data_4TX3
#
_entry.id   4TX3
#
_cell.length_a   87.340
_cell.length_b   94.010
_cell.length_c   125.260
_cell.angle_alpha   90.000
_cell.angle_beta   90.000
_cell.angle_gamma   90.000
#
_symmetry.space_group_name_H-M   'P 21 21 21'
#
loop_
_entity.id
_entity.type
_entity.pdbx_description
1 polymer 'OxyB protein'
2 polymer 'Peptide synthetase, module 7'
3 non-polymer 'PROTOPORPHYRIN IX CONTAINING FE'
4 non-polymer 'SULFATE ION'
5 non-polymer 1,2-ETHANEDIOL
6 water water
#
loop_
_entity_poly.entity_id
_entity_poly.type
_entity_poly.pdbx_seq_one_letter_code
_entity_poly.pdbx_strand_id
1 'polypeptide(L)'
;GIDPFTMSGDGSPPIHTRRQGFDPADELRAAGTLTKISIGSGADAETTWLAAGHAVVRQVLGDHKRFSTRRRFDRRDEIG
GTGVFRPRELVGNLMDYDPPEHTRLRHLLTPGFTQRRMRRLAPRIEEIVTDRLDAMEQAGPPADLIELFADEVPGAVLCE
LIGVPRDDQAMFLQLCHRHLDASLSARKRAAAGEAFARYLVAMMARERKDPGDGFIGSIVAEHGDTITDEELRGVCVQLM
LAGDDNVSGMIGLGVLALLRHPEQIAALRGDDQSADRAVDELIRYLTVPYAPTPRTAVEDVMVADQVIKEGETVLCSLPM
ANRDRALLPDADRLDVTRTPVPHVAFGHGIHHCLGAALTRLQLRIAYTALWRRFPALQLADPAQEIMFRTSTPAYGLTSL
LVAW
;
A
2 'polypeptide(L)'
;GAMGRPALEAVTRPERVPLTARQLRAWLLARPSEETRGRHLSVALRLRGRLDVAALEAALRDVAARHEILRTTFPGDAQT
VHQHIHDAAPVRLTPVPATEEDLPARLAERGEQLFDLTRDMPWRCELFALSEKEHVLSVTVHRIAADDDSMDVFFRDLAA
AYGARRAGRAPERAPLALQFADYAIWEQRLLDGEREQDSLINDQITFWRNHLAGIDQETVLPFDRARPAIPSRRAGTVAL
RLDAGPHARLAEAVESAGADMPQLVQAALAMLLTRYGAGTDLVIGTTLPRDEDLIDLEPMIGPFARPFPVRTDLSADPTF
LEVVARVQEAVREARQHLDVPFEKIPELLALPGSLSRHPVYQVGLQVREEDNGAWDAAELPALRTSVEPTGVEAIELDLA
FALTERRNDDDDEDGIEGALHYAADLFDHDTAASLARRLVRVLEQVAEDPGRRISDLDILLDDAERGAPLESAWSHPQFE
K
;
B
#
# COMPACT_ATOMS: atom_id res chain seq x y z
N SER A 12 22.21 -5.75 -19.50
CA SER A 12 21.45 -5.48 -20.71
C SER A 12 20.00 -5.99 -20.62
N PRO A 13 19.02 -5.15 -21.01
CA PRO A 13 17.63 -5.58 -21.20
C PRO A 13 17.42 -6.13 -22.61
N PRO A 14 16.54 -7.14 -22.77
CA PRO A 14 16.37 -7.86 -24.04
C PRO A 14 16.04 -6.94 -25.21
N ILE A 15 16.64 -7.22 -26.37
CA ILE A 15 16.54 -6.33 -27.53
C ILE A 15 15.08 -6.06 -27.92
N HIS A 16 14.20 -7.04 -27.70
CA HIS A 16 12.83 -6.88 -28.16
C HIS A 16 12.02 -5.94 -27.26
N THR A 17 12.48 -5.68 -26.03
CA THR A 17 11.77 -4.73 -25.16
C THR A 17 12.29 -3.31 -25.24
N ARG A 18 13.13 -3.05 -26.24
CA ARG A 18 13.79 -1.75 -26.34
C ARG A 18 13.09 -0.79 -27.31
N ARG A 19 12.77 0.41 -26.81
CA ARG A 19 12.14 1.45 -27.63
C ARG A 19 13.02 2.69 -27.74
N GLN A 20 12.93 3.41 -28.84
CA GLN A 20 13.45 4.76 -28.86
C GLN A 20 12.29 5.72 -29.14
N GLY A 21 11.85 6.42 -28.10
CA GLY A 21 10.66 7.25 -28.20
C GLY A 21 9.45 6.36 -28.42
N PHE A 22 8.75 6.57 -29.52
CA PHE A 22 7.57 5.77 -29.88
C PHE A 22 7.94 4.54 -30.70
N ASP A 23 9.16 4.54 -31.25
CA ASP A 23 9.59 3.54 -32.23
C ASP A 23 10.34 2.35 -31.60
N PRO A 24 10.37 1.21 -32.33
CA PRO A 24 11.30 0.15 -31.92
C PRO A 24 12.73 0.69 -31.91
N ALA A 25 13.52 0.31 -30.91
CA ALA A 25 14.92 0.75 -30.83
C ALA A 25 15.70 0.34 -32.08
N ASP A 26 16.83 0.99 -32.33
CA ASP A 26 17.53 0.81 -33.61
C ASP A 26 18.08 -0.59 -33.79
N GLU A 27 18.57 -1.21 -32.70
CA GLU A 27 19.03 -2.59 -32.79
C GLU A 27 17.88 -3.56 -33.03
N LEU A 28 16.67 -3.17 -32.65
CA LEU A 28 15.50 -4.00 -32.90
C LEU A 28 15.06 -3.78 -34.35
N ARG A 29 15.22 -2.56 -34.87
CA ARG A 29 14.84 -2.29 -36.26
C ARG A 29 15.84 -2.92 -37.21
N ALA A 30 16.86 -3.56 -36.64
CA ALA A 30 17.96 -4.13 -37.40
C ALA A 30 17.76 -5.62 -37.65
N ALA A 31 17.17 -6.30 -36.68
CA ALA A 31 16.91 -7.73 -36.80
C ALA A 31 15.93 -7.99 -37.95
N GLY A 32 16.27 -8.98 -38.78
CA GLY A 32 15.44 -9.31 -39.93
C GLY A 32 14.14 -9.95 -39.48
N THR A 33 13.39 -10.44 -40.46
CA THR A 33 12.10 -11.06 -40.25
C THR A 33 12.08 -12.21 -39.23
N LEU A 34 13.07 -13.08 -39.27
CA LEU A 34 13.09 -14.25 -38.38
C LEU A 34 14.52 -14.72 -38.11
N THR A 35 15.07 -14.39 -36.95
CA THR A 35 16.45 -14.74 -36.66
C THR A 35 16.56 -15.44 -35.30
N LYS A 36 17.63 -16.22 -35.11
CA LYS A 36 17.86 -16.89 -33.81
C LYS A 36 18.65 -15.99 -32.86
N ILE A 37 18.17 -15.87 -31.64
CA ILE A 37 18.68 -14.92 -30.66
C ILE A 37 18.77 -15.58 -29.27
N SER A 38 19.65 -15.07 -28.40
CA SER A 38 19.77 -15.64 -27.05
C SER A 38 19.33 -14.67 -25.94
N THR A 47 18.42 -21.84 -27.83
CA THR A 47 17.88 -21.42 -29.12
C THR A 47 16.48 -20.81 -28.98
N THR A 48 16.42 -19.48 -29.03
CA THR A 48 15.14 -18.77 -29.10
C THR A 48 15.04 -17.93 -30.37
N TRP A 49 13.95 -18.08 -31.10
CA TRP A 49 13.76 -17.35 -32.35
C TRP A 49 13.09 -16.00 -32.10
N LEU A 50 13.49 -14.98 -32.87
CA LEU A 50 12.81 -13.70 -32.90
C LEU A 50 12.10 -13.50 -34.23
N ALA A 51 10.77 -13.52 -34.19
CA ALA A 51 9.93 -13.23 -35.35
C ALA A 51 9.54 -11.77 -35.31
N ALA A 52 9.96 -11.01 -36.32
CA ALA A 52 9.74 -9.58 -36.33
C ALA A 52 9.03 -9.10 -37.59
N GLY A 53 8.67 -10.03 -38.47
CA GLY A 53 7.95 -9.66 -39.67
C GLY A 53 6.46 -9.80 -39.44
N HIS A 54 5.65 -8.94 -40.03
CA HIS A 54 4.20 -9.04 -39.86
C HIS A 54 3.65 -10.39 -40.35
N ALA A 55 4.11 -10.86 -41.49
CA ALA A 55 3.61 -12.14 -42.01
C ALA A 55 3.95 -13.33 -41.11
N VAL A 56 5.21 -13.43 -40.69
CA VAL A 56 5.66 -14.57 -39.94
C VAL A 56 5.08 -14.54 -38.52
N VAL A 57 4.88 -13.33 -37.99
CA VAL A 57 4.24 -13.19 -36.69
C VAL A 57 2.76 -13.58 -36.73
N ARG A 58 2.06 -13.20 -37.80
CA ARG A 58 0.68 -13.64 -37.97
C ARG A 58 0.61 -15.18 -38.07
N GLN A 59 1.57 -15.77 -38.80
CA GLN A 59 1.61 -17.21 -39.00
C GLN A 59 1.82 -17.98 -37.68
N VAL A 60 2.77 -17.50 -36.87
CA VAL A 60 3.06 -18.12 -35.58
C VAL A 60 1.88 -18.00 -34.59
N LEU A 61 1.21 -16.85 -34.58
CA LEU A 61 0.07 -16.68 -33.67
C LEU A 61 -1.15 -17.43 -34.20
N GLY A 62 -1.28 -17.45 -35.51
CA GLY A 62 -2.43 -18.07 -36.14
C GLY A 62 -2.42 -19.59 -36.16
N ASP A 63 -1.23 -20.21 -36.23
CA ASP A 63 -1.13 -21.66 -36.33
C ASP A 63 -1.20 -22.35 -34.96
N HIS A 64 -2.42 -22.59 -34.49
CA HIS A 64 -2.63 -23.16 -33.18
C HIS A 64 -2.40 -24.67 -33.11
N LYS A 65 -1.91 -25.27 -34.19
CA LYS A 65 -1.65 -26.71 -34.20
C LYS A 65 -0.14 -26.98 -34.09
N ARG A 66 0.68 -26.12 -34.68
CA ARG A 66 2.11 -26.32 -34.65
C ARG A 66 2.84 -25.51 -33.56
N PHE A 67 2.11 -24.63 -32.88
CA PHE A 67 2.69 -23.86 -31.78
C PHE A 67 1.82 -23.94 -30.55
N SER A 68 2.47 -24.17 -29.42
CA SER A 68 1.80 -24.20 -28.13
C SER A 68 2.19 -22.97 -27.32
N THR A 69 1.35 -22.58 -26.36
CA THR A 69 1.65 -21.41 -25.54
C THR A 69 1.94 -21.78 -24.09
N ARG A 70 1.76 -23.04 -23.73
CA ARG A 70 2.00 -23.47 -22.36
C ARG A 70 3.50 -23.56 -22.04
N ARG A 71 3.87 -23.39 -20.77
CA ARG A 71 5.26 -23.54 -20.38
C ARG A 71 5.59 -24.98 -19.97
N VAL A 84 -2.21 -31.71 -14.36
CA VAL A 84 -0.94 -32.44 -14.35
C VAL A 84 0.20 -31.51 -14.66
N PHE A 85 -0.10 -30.47 -15.42
CA PHE A 85 0.88 -29.46 -15.76
C PHE A 85 0.63 -28.21 -14.93
N ARG A 86 -0.52 -27.58 -15.17
CA ARG A 86 -0.74 -26.18 -14.81
C ARG A 86 -0.79 -25.88 -13.31
N PRO A 87 0.19 -25.08 -12.84
CA PRO A 87 0.20 -24.49 -11.48
C PRO A 87 -1.00 -23.57 -11.22
N ARG A 88 -1.31 -23.36 -9.95
CA ARG A 88 -2.50 -22.63 -9.56
C ARG A 88 -2.50 -21.16 -10.00
N GLU A 89 -1.32 -20.53 -10.02
CA GLU A 89 -1.22 -19.13 -10.42
C GLU A 89 -1.58 -18.97 -11.89
N LEU A 90 -1.32 -20.00 -12.68
CA LEU A 90 -1.62 -19.99 -14.10
C LEU A 90 -3.06 -20.46 -14.39
N VAL A 91 -3.81 -20.82 -13.35
CA VAL A 91 -5.15 -21.33 -13.59
C VAL A 91 -6.11 -20.18 -13.91
N GLY A 92 -6.88 -20.35 -14.99
CA GLY A 92 -7.76 -19.30 -15.48
C GLY A 92 -7.07 -18.28 -16.37
N ASN A 93 -5.78 -18.48 -16.64
CA ASN A 93 -5.01 -17.63 -17.54
C ASN A 93 -5.00 -18.21 -18.94
N LEU A 94 -6.04 -17.88 -19.72
CA LEU A 94 -6.26 -18.41 -21.07
C LEU A 94 -5.02 -18.42 -21.94
N MET A 95 -4.12 -17.47 -21.72
CA MET A 95 -2.87 -17.42 -22.46
C MET A 95 -2.01 -18.67 -22.26
N ASP A 96 -2.24 -19.42 -21.18
CA ASP A 96 -1.38 -20.56 -20.90
C ASP A 96 -2.04 -21.87 -21.35
N TYR A 97 -3.24 -21.77 -21.90
CA TYR A 97 -4.01 -22.92 -22.37
C TYR A 97 -3.87 -23.13 -23.88
N ASP A 98 -3.59 -24.35 -24.31
CA ASP A 98 -3.78 -24.71 -25.71
C ASP A 98 -5.19 -25.27 -25.89
N PRO A 99 -5.66 -25.39 -27.14
CA PRO A 99 -6.91 -26.11 -27.37
C PRO A 99 -6.72 -27.63 -27.20
N PRO A 100 -7.77 -28.37 -26.80
CA PRO A 100 -9.14 -27.90 -26.60
C PRO A 100 -9.44 -27.23 -25.25
N GLU A 101 -8.61 -27.39 -24.23
CA GLU A 101 -8.89 -26.78 -22.92
C GLU A 101 -9.19 -25.28 -23.08
N HIS A 102 -8.32 -24.59 -23.83
CA HIS A 102 -8.49 -23.16 -24.12
C HIS A 102 -9.86 -22.86 -24.73
N THR A 103 -10.31 -23.74 -25.60
CA THR A 103 -11.58 -23.57 -26.29
C THR A 103 -12.74 -23.61 -25.32
N ARG A 104 -12.73 -24.61 -24.44
CA ARG A 104 -13.78 -24.78 -23.44
C ARG A 104 -13.84 -23.56 -22.50
N LEU A 105 -12.72 -23.20 -21.89
CA LEU A 105 -12.71 -22.11 -20.91
C LEU A 105 -13.09 -20.75 -21.52
N ARG A 106 -12.48 -20.42 -22.66
CA ARG A 106 -12.77 -19.15 -23.32
C ARG A 106 -14.26 -19.07 -23.64
N HIS A 107 -14.82 -20.19 -24.08
CA HIS A 107 -16.25 -20.24 -24.38
C HIS A 107 -17.14 -19.98 -23.15
N LEU A 108 -16.69 -20.41 -21.98
CA LEU A 108 -17.52 -20.26 -20.79
C LEU A 108 -17.62 -18.81 -20.37
N LEU A 109 -16.65 -18.00 -20.77
CA LEU A 109 -16.58 -16.60 -20.36
C LEU A 109 -17.46 -15.72 -21.23
N THR A 110 -17.97 -16.30 -22.32
CA THR A 110 -18.71 -15.54 -23.33
C THR A 110 -19.85 -14.65 -22.82
N PRO A 111 -20.73 -15.15 -21.93
CA PRO A 111 -21.85 -14.27 -21.56
C PRO A 111 -21.45 -12.98 -20.80
N GLY A 112 -20.20 -12.89 -20.35
CA GLY A 112 -19.72 -11.69 -19.67
C GLY A 112 -19.10 -10.65 -20.59
N PHE A 113 -19.11 -10.91 -21.89
CA PHE A 113 -18.42 -10.08 -22.87
C PHE A 113 -19.28 -9.71 -24.09
N THR A 114 -20.57 -10.00 -24.04
CA THR A 114 -21.51 -9.67 -25.11
C THR A 114 -21.49 -8.18 -25.46
N GLN A 115 -21.79 -7.84 -26.72
CA GLN A 115 -21.96 -6.44 -27.11
C GLN A 115 -23.01 -5.79 -26.23
N ARG A 116 -24.09 -6.51 -25.98
CA ARG A 116 -25.13 -6.07 -25.05
C ARG A 116 -24.54 -5.66 -23.70
N ARG A 117 -23.54 -6.40 -23.24
CA ARG A 117 -22.95 -6.15 -21.93
C ARG A 117 -21.93 -5.02 -21.99
N MET A 118 -21.23 -4.91 -23.11
CA MET A 118 -20.33 -3.78 -23.35
C MET A 118 -21.09 -2.47 -23.38
N ARG A 119 -22.23 -2.46 -24.04
CA ARG A 119 -23.02 -1.23 -24.16
C ARG A 119 -23.59 -0.81 -22.81
N ARG A 120 -23.85 -1.74 -21.90
CA ARG A 120 -24.33 -1.34 -20.58
C ARG A 120 -23.16 -0.85 -19.74
N LEU A 121 -21.94 -1.26 -20.10
CA LEU A 121 -20.78 -0.80 -19.35
C LEU A 121 -20.56 0.68 -19.62
N ALA A 122 -20.93 1.10 -20.83
CA ALA A 122 -20.56 2.42 -21.35
C ALA A 122 -20.89 3.62 -20.43
N PRO A 123 -22.13 3.70 -19.90
CA PRO A 123 -22.39 4.87 -19.05
C PRO A 123 -21.53 4.87 -17.79
N ARG A 124 -21.19 3.69 -17.33
CA ARG A 124 -20.41 3.58 -16.12
C ARG A 124 -18.94 3.92 -16.40
N ILE A 125 -18.47 3.56 -17.59
CA ILE A 125 -17.14 3.94 -18.04
C ILE A 125 -17.05 5.46 -18.19
N GLU A 126 -18.09 6.07 -18.75
CA GLU A 126 -18.12 7.53 -18.85
C GLU A 126 -18.10 8.22 -17.48
N GLU A 127 -18.74 7.60 -16.51
CA GLU A 127 -18.80 8.13 -15.15
C GLU A 127 -17.44 8.04 -14.45
N ILE A 128 -16.78 6.91 -14.60
CA ILE A 128 -15.40 6.78 -14.14
C ILE A 128 -14.51 7.87 -14.76
N VAL A 129 -14.55 8.02 -16.07
CA VAL A 129 -13.71 8.98 -16.76
C VAL A 129 -13.95 10.40 -16.26
N THR A 130 -15.23 10.72 -16.04
CA THR A 130 -15.64 12.03 -15.54
C THR A 130 -15.06 12.32 -14.14
N ASP A 131 -15.21 11.36 -13.24
CA ASP A 131 -14.73 11.53 -11.87
C ASP A 131 -13.23 11.74 -11.83
N ARG A 132 -12.52 11.15 -12.80
CA ARG A 132 -11.07 11.28 -12.87
C ARG A 132 -10.67 12.61 -13.50
N LEU A 133 -11.48 13.09 -14.44
CA LEU A 133 -11.26 14.43 -14.99
C LEU A 133 -11.54 15.49 -13.94
N ASP A 134 -12.49 15.23 -13.04
CA ASP A 134 -12.82 16.18 -11.95
C ASP A 134 -11.67 16.26 -10.98
N ALA A 135 -11.03 15.13 -10.75
CA ALA A 135 -9.88 15.06 -9.87
C ALA A 135 -8.77 15.95 -10.45
N MET A 136 -8.48 15.79 -11.74
CA MET A 136 -7.47 16.62 -12.40
C MET A 136 -7.75 18.11 -12.25
N GLU A 137 -9.00 18.51 -12.48
CA GLU A 137 -9.40 19.90 -12.35
C GLU A 137 -9.26 20.43 -10.94
N GLN A 138 -9.63 19.61 -9.96
CA GLN A 138 -9.47 19.99 -8.57
C GLN A 138 -8.00 20.24 -8.27
N ALA A 139 -7.18 19.23 -8.56
CA ALA A 139 -5.74 19.30 -8.40
C ALA A 139 -5.15 20.49 -9.15
N GLY A 140 -5.94 21.07 -10.06
CA GLY A 140 -5.65 22.34 -10.72
C GLY A 140 -4.53 22.20 -11.73
N PRO A 141 -4.50 23.06 -12.76
CA PRO A 141 -3.36 22.90 -13.66
C PRO A 141 -2.07 23.37 -13.01
N PRO A 142 -0.96 22.63 -13.18
CA PRO A 142 -0.78 21.34 -13.87
C PRO A 142 -1.26 20.13 -13.06
N ALA A 143 -1.56 19.04 -13.74
CA ALA A 143 -1.87 17.81 -13.06
C ALA A 143 -1.11 16.67 -13.71
N ASP A 144 -0.81 15.63 -12.92
CA ASP A 144 -0.16 14.43 -13.46
C ASP A 144 -1.22 13.51 -14.06
N LEU A 145 -1.23 13.49 -15.39
CA LEU A 145 -2.17 12.70 -16.15
C LEU A 145 -2.06 11.21 -15.82
N ILE A 146 -0.84 10.75 -15.58
CA ILE A 146 -0.66 9.32 -15.38
C ILE A 146 -1.15 8.89 -14.00
N GLU A 147 -0.75 9.62 -12.97
CA GLU A 147 -1.15 9.31 -11.61
C GLU A 147 -2.65 9.46 -11.40
N LEU A 148 -3.24 10.52 -11.94
CA LEU A 148 -4.66 10.79 -11.70
C LEU A 148 -5.64 10.19 -12.71
N PHE A 149 -5.18 9.96 -13.95
CA PHE A 149 -6.12 9.54 -14.98
C PHE A 149 -5.76 8.17 -15.56
N ALA A 150 -4.57 8.04 -16.13
CA ALA A 150 -4.18 6.81 -16.84
C ALA A 150 -4.07 5.57 -15.95
N ASP A 151 -3.49 5.72 -14.77
CA ASP A 151 -3.33 4.61 -13.83
C ASP A 151 -4.63 4.31 -13.08
N GLU A 152 -5.66 5.10 -13.32
CA GLU A 152 -6.87 5.01 -12.52
C GLU A 152 -8.10 4.50 -13.29
N VAL A 153 -8.27 4.95 -14.54
CA VAL A 153 -9.43 4.52 -15.31
C VAL A 153 -9.46 3.01 -15.62
N PRO A 154 -8.37 2.42 -16.17
CA PRO A 154 -8.47 1.01 -16.57
C PRO A 154 -8.79 0.08 -15.39
N GLY A 155 -8.17 0.33 -14.25
CA GLY A 155 -8.42 -0.46 -13.06
C GLY A 155 -9.89 -0.42 -12.70
N ALA A 156 -10.45 0.78 -12.70
CA ALA A 156 -11.85 0.98 -12.31
C ALA A 156 -12.83 0.35 -13.32
N VAL A 157 -12.54 0.47 -14.61
CA VAL A 157 -13.36 -0.17 -15.62
C VAL A 157 -13.38 -1.70 -15.42
N LEU A 158 -12.20 -2.28 -15.16
CA LEU A 158 -12.11 -3.69 -14.82
C LEU A 158 -12.96 -4.08 -13.60
N CYS A 159 -12.99 -3.24 -12.57
CA CYS A 159 -13.81 -3.56 -11.40
C CYS A 159 -15.28 -3.65 -11.77
N GLU A 160 -15.69 -2.81 -12.73
CA GLU A 160 -17.07 -2.80 -13.17
C GLU A 160 -17.38 -4.01 -14.03
N LEU A 161 -16.44 -4.36 -14.90
CA LEU A 161 -16.58 -5.52 -15.75
C LEU A 161 -16.90 -6.74 -14.88
N ILE A 162 -16.09 -6.99 -13.85
CA ILE A 162 -16.29 -8.22 -13.07
C ILE A 162 -17.31 -8.08 -11.93
N GLY A 163 -17.65 -6.84 -11.59
CA GLY A 163 -18.73 -6.55 -10.68
C GLY A 163 -18.35 -6.31 -9.23
N VAL A 164 -17.14 -5.85 -8.99
CA VAL A 164 -16.70 -5.47 -7.65
C VAL A 164 -17.63 -4.37 -7.09
N PRO A 165 -18.09 -4.55 -5.84
CA PRO A 165 -18.95 -3.54 -5.20
C PRO A 165 -18.38 -2.16 -5.35
N ARG A 166 -19.27 -1.22 -5.64
CA ARG A 166 -18.90 0.12 -6.08
C ARG A 166 -17.85 0.76 -5.21
N ASP A 167 -18.10 0.77 -3.91
CA ASP A 167 -17.27 1.55 -3.00
C ASP A 167 -16.14 0.73 -2.36
N ASP A 168 -15.92 -0.46 -2.89
CA ASP A 168 -14.72 -1.22 -2.56
C ASP A 168 -13.67 -1.14 -3.67
N GLN A 169 -14.02 -0.56 -4.81
CA GLN A 169 -13.15 -0.60 -5.98
C GLN A 169 -11.79 0.07 -5.79
N ALA A 170 -11.76 1.23 -5.13
CA ALA A 170 -10.47 1.83 -4.77
C ALA A 170 -9.63 0.89 -3.89
N MET A 171 -10.25 0.30 -2.87
CA MET A 171 -9.55 -0.67 -2.00
C MET A 171 -9.01 -1.84 -2.79
N PHE A 172 -9.91 -2.48 -3.51
CA PHE A 172 -9.61 -3.65 -4.33
C PHE A 172 -8.46 -3.38 -5.31
N LEU A 173 -8.50 -2.25 -6.01
CA LEU A 173 -7.45 -1.87 -6.94
C LEU A 173 -6.13 -1.62 -6.24
N GLN A 174 -6.20 -1.15 -4.99
CA GLN A 174 -4.98 -0.87 -4.27
C GLN A 174 -4.22 -2.18 -4.08
N LEU A 175 -4.97 -3.22 -3.74
CA LEU A 175 -4.41 -4.56 -3.57
C LEU A 175 -3.86 -5.15 -4.87
N CYS A 176 -4.58 -4.98 -5.98
CA CYS A 176 -4.10 -5.50 -7.26
C CYS A 176 -2.80 -4.80 -7.65
N HIS A 177 -2.72 -3.50 -7.35
CA HIS A 177 -1.54 -2.72 -7.72
C HIS A 177 -0.38 -3.04 -6.80
N ARG A 178 -0.63 -3.15 -5.49
CA ARG A 178 0.42 -3.55 -4.55
C ARG A 178 1.01 -4.91 -4.96
N HIS A 179 0.13 -5.82 -5.39
CA HIS A 179 0.51 -7.17 -5.79
C HIS A 179 1.56 -7.19 -6.90
N LEU A 180 1.59 -6.15 -7.71
CA LEU A 180 2.51 -6.08 -8.84
C LEU A 180 3.62 -5.04 -8.66
N ASP A 181 3.44 -4.12 -7.70
CA ASP A 181 4.42 -3.08 -7.42
C ASP A 181 5.78 -3.66 -7.03
N ALA A 182 6.69 -3.73 -7.98
CA ALA A 182 7.98 -4.39 -7.82
C ALA A 182 8.85 -3.78 -6.71
N SER A 183 8.60 -2.52 -6.38
CA SER A 183 9.34 -1.83 -5.34
C SER A 183 9.12 -2.43 -3.95
N LEU A 184 7.93 -2.98 -3.74
CA LEU A 184 7.61 -3.65 -2.48
C LEU A 184 8.26 -5.01 -2.47
N SER A 185 8.62 -5.49 -1.28
CA SER A 185 9.21 -6.81 -1.13
C SER A 185 8.28 -7.89 -1.65
N ALA A 186 8.85 -8.99 -2.14
CA ALA A 186 8.05 -10.11 -2.63
C ALA A 186 7.15 -10.65 -1.52
N ARG A 187 7.45 -10.31 -0.28
CA ARG A 187 6.60 -10.69 0.83
C ARG A 187 5.26 -9.96 0.76
N LYS A 188 5.31 -8.63 0.93
CA LYS A 188 4.15 -7.76 0.79
C LYS A 188 3.33 -8.06 -0.49
N ARG A 189 4.03 -8.32 -1.58
CA ARG A 189 3.38 -8.54 -2.85
C ARG A 189 2.53 -9.80 -2.85
N ALA A 190 3.08 -10.87 -2.29
CA ALA A 190 2.31 -12.11 -2.19
C ALA A 190 1.14 -11.90 -1.24
N ALA A 191 1.37 -11.14 -0.16
CA ALA A 191 0.30 -10.77 0.75
C ALA A 191 -0.85 -10.08 0.02
N ALA A 192 -0.53 -9.03 -0.74
CA ALA A 192 -1.55 -8.24 -1.44
C ALA A 192 -2.30 -9.10 -2.45
N GLY A 193 -1.57 -9.96 -3.14
CA GLY A 193 -2.19 -10.88 -4.10
C GLY A 193 -3.20 -11.80 -3.44
N GLU A 194 -2.83 -12.37 -2.29
CA GLU A 194 -3.70 -13.27 -1.55
C GLU A 194 -4.98 -12.56 -1.12
N ALA A 195 -4.81 -11.37 -0.56
CA ALA A 195 -5.93 -10.59 -0.08
C ALA A 195 -6.94 -10.26 -1.20
N PHE A 196 -6.48 -9.95 -2.41
CA PHE A 196 -7.47 -9.57 -3.42
C PHE A 196 -8.08 -10.84 -4.05
N ALA A 197 -7.35 -11.95 -3.96
CA ALA A 197 -7.93 -13.24 -4.30
C ALA A 197 -8.96 -13.68 -3.25
N ARG A 198 -8.67 -13.46 -1.97
CA ARG A 198 -9.63 -13.76 -0.90
C ARG A 198 -10.92 -12.98 -1.15
N TYR A 199 -10.75 -11.73 -1.58
CA TYR A 199 -11.89 -10.88 -1.84
C TYR A 199 -12.77 -11.47 -2.94
N LEU A 200 -12.16 -11.98 -3.99
CA LEU A 200 -12.89 -12.53 -5.12
C LEU A 200 -13.65 -13.79 -4.72
N VAL A 201 -13.02 -14.65 -3.94
CA VAL A 201 -13.66 -15.85 -3.41
C VAL A 201 -14.89 -15.48 -2.60
N ALA A 202 -14.71 -14.57 -1.64
CA ALA A 202 -15.82 -14.01 -0.86
C ALA A 202 -16.93 -13.47 -1.78
N MET A 203 -16.50 -12.75 -2.82
CA MET A 203 -17.42 -12.15 -3.77
C MET A 203 -18.14 -13.21 -4.62
N MET A 204 -17.43 -14.28 -4.97
CA MET A 204 -17.97 -15.43 -5.69
C MET A 204 -19.07 -16.17 -4.93
N ALA A 205 -18.87 -16.32 -3.63
CA ALA A 205 -19.85 -16.97 -2.81
C ALA A 205 -21.17 -16.24 -2.94
N ARG A 206 -21.15 -14.94 -2.66
CA ARG A 206 -22.35 -14.11 -2.72
C ARG A 206 -23.06 -14.24 -4.07
N GLU A 207 -22.32 -14.10 -5.18
CA GLU A 207 -22.95 -13.98 -6.49
C GLU A 207 -23.17 -15.27 -7.27
N ARG A 208 -23.09 -16.39 -6.55
CA ARG A 208 -23.50 -17.66 -7.10
C ARG A 208 -24.40 -18.36 -6.06
N LYS A 209 -24.45 -17.80 -4.85
CA LYS A 209 -25.42 -18.26 -3.84
C LYS A 209 -26.83 -17.87 -4.34
N ASP A 210 -27.02 -16.61 -4.72
CA ASP A 210 -28.16 -16.27 -5.58
C ASP A 210 -27.70 -15.18 -6.53
N PRO A 211 -27.37 -15.59 -7.75
CA PRO A 211 -26.66 -14.83 -8.79
C PRO A 211 -27.19 -13.42 -9.03
N GLY A 212 -26.28 -12.55 -9.44
CA GLY A 212 -26.66 -11.23 -9.92
C GLY A 212 -26.81 -11.36 -11.42
N ASP A 213 -26.55 -10.27 -12.14
CA ASP A 213 -26.55 -10.29 -13.59
C ASP A 213 -25.32 -9.59 -14.12
N GLY A 214 -24.30 -9.50 -13.29
CA GLY A 214 -23.03 -8.97 -13.71
C GLY A 214 -22.20 -10.09 -14.33
N PHE A 215 -20.90 -9.94 -14.25
CA PHE A 215 -19.97 -10.87 -14.87
C PHE A 215 -20.14 -12.29 -14.34
N ILE A 216 -19.86 -12.48 -13.06
CA ILE A 216 -19.96 -13.79 -12.43
C ILE A 216 -21.35 -14.39 -12.56
N GLY A 217 -22.35 -13.55 -12.31
CA GLY A 217 -23.73 -13.99 -12.35
C GLY A 217 -24.19 -14.55 -13.70
N SER A 218 -23.87 -13.84 -14.77
CA SER A 218 -24.32 -14.26 -16.09
C SER A 218 -23.60 -15.53 -16.54
N ILE A 219 -22.37 -15.72 -16.06
CA ILE A 219 -21.61 -16.90 -16.44
C ILE A 219 -22.11 -18.14 -15.67
N VAL A 220 -22.39 -18.01 -14.39
CA VAL A 220 -22.89 -19.15 -13.63
C VAL A 220 -24.35 -19.46 -13.98
N ALA A 221 -25.10 -18.46 -14.41
CA ALA A 221 -26.48 -18.68 -14.83
C ALA A 221 -26.53 -19.52 -16.12
N GLU A 222 -25.45 -19.45 -16.90
CA GLU A 222 -25.40 -20.16 -18.17
C GLU A 222 -24.64 -21.48 -18.09
N HIS A 223 -23.57 -21.52 -17.32
CA HIS A 223 -22.68 -22.67 -17.28
C HIS A 223 -22.37 -23.08 -15.84
N GLY A 224 -23.40 -23.07 -15.01
CA GLY A 224 -23.24 -23.19 -13.56
C GLY A 224 -22.38 -24.31 -13.04
N ASP A 225 -22.80 -25.54 -13.32
CA ASP A 225 -21.98 -26.68 -12.96
C ASP A 225 -21.31 -27.22 -14.23
N THR A 226 -20.57 -26.32 -14.87
CA THR A 226 -19.55 -26.68 -15.84
C THR A 226 -18.28 -26.08 -15.31
N ILE A 227 -18.31 -24.75 -15.16
CA ILE A 227 -17.15 -24.04 -14.69
C ILE A 227 -16.99 -24.18 -13.17
N THR A 228 -15.84 -24.70 -12.80
CA THR A 228 -15.48 -24.87 -11.40
C THR A 228 -15.29 -23.53 -10.72
N ASP A 229 -15.19 -23.54 -9.40
CA ASP A 229 -14.93 -22.30 -8.69
C ASP A 229 -13.47 -21.91 -8.83
N GLU A 230 -12.62 -22.92 -9.06
CA GLU A 230 -11.19 -22.68 -9.28
C GLU A 230 -10.97 -21.84 -10.55
N GLU A 231 -11.77 -22.13 -11.56
CA GLU A 231 -11.65 -21.46 -12.85
C GLU A 231 -12.18 -20.02 -12.76
N LEU A 232 -13.33 -19.83 -12.11
CA LEU A 232 -13.89 -18.48 -11.94
C LEU A 232 -12.92 -17.61 -11.17
N ARG A 233 -12.38 -18.16 -10.08
CA ARG A 233 -11.46 -17.46 -9.22
C ARG A 233 -10.25 -17.01 -10.04
N GLY A 234 -9.73 -17.93 -10.84
CA GLY A 234 -8.54 -17.66 -11.61
C GLY A 234 -8.76 -16.66 -12.73
N VAL A 235 -9.88 -16.79 -13.42
CA VAL A 235 -10.25 -15.91 -14.53
C VAL A 235 -10.32 -14.44 -14.08
N CYS A 236 -11.02 -14.19 -12.98
CA CYS A 236 -11.16 -12.83 -12.46
C CYS A 236 -9.81 -12.20 -12.14
N VAL A 237 -8.93 -12.97 -11.49
CA VAL A 237 -7.57 -12.52 -11.23
C VAL A 237 -6.84 -12.13 -12.52
N GLN A 238 -6.81 -13.04 -13.48
CA GLN A 238 -6.05 -12.82 -14.70
C GLN A 238 -6.59 -11.64 -15.47
N LEU A 239 -7.89 -11.40 -15.33
CA LEU A 239 -8.52 -10.27 -16.00
C LEU A 239 -7.92 -8.99 -15.46
N MET A 240 -7.75 -8.92 -14.15
CA MET A 240 -7.18 -7.74 -13.50
C MET A 240 -5.73 -7.50 -13.93
N LEU A 241 -5.01 -8.59 -14.20
CA LEU A 241 -3.60 -8.50 -14.54
C LEU A 241 -3.40 -8.45 -16.05
N ALA A 242 -4.48 -8.56 -16.83
CA ALA A 242 -4.36 -8.49 -18.29
C ALA A 242 -4.79 -7.14 -18.86
N GLY A 243 -5.73 -6.48 -18.20
CA GLY A 243 -6.34 -5.30 -18.77
C GLY A 243 -6.05 -3.95 -18.12
N ASP A 244 -5.00 -3.89 -17.30
CA ASP A 244 -4.69 -2.66 -16.59
C ASP A 244 -3.50 -1.96 -17.23
N ASP A 245 -2.34 -2.60 -17.14
CA ASP A 245 -1.08 -2.05 -17.60
C ASP A 245 -1.11 -1.71 -19.09
N ASN A 246 -1.80 -2.53 -19.88
CA ASN A 246 -1.93 -2.26 -21.30
C ASN A 246 -2.72 -0.99 -21.60
N VAL A 247 -3.86 -0.84 -20.94
CA VAL A 247 -4.68 0.33 -21.18
C VAL A 247 -4.00 1.58 -20.62
N SER A 248 -3.37 1.47 -19.44
CA SER A 248 -2.71 2.64 -18.85
C SER A 248 -1.58 3.14 -19.77
N GLY A 249 -0.79 2.23 -20.33
CA GLY A 249 0.24 2.64 -21.27
C GLY A 249 -0.39 3.35 -22.47
N MET A 250 -1.51 2.84 -22.97
CA MET A 250 -2.15 3.42 -24.15
C MET A 250 -2.65 4.82 -23.85
N ILE A 251 -3.29 5.01 -22.69
CA ILE A 251 -3.78 6.33 -22.34
C ILE A 251 -2.63 7.33 -22.28
N GLY A 252 -1.56 6.97 -21.57
CA GLY A 252 -0.41 7.85 -21.44
C GLY A 252 0.27 8.19 -22.76
N LEU A 253 0.66 7.15 -23.49
CA LEU A 253 1.38 7.34 -24.74
C LEU A 253 0.51 7.97 -25.82
N GLY A 254 -0.80 7.67 -25.76
CA GLY A 254 -1.73 8.21 -26.73
C GLY A 254 -1.87 9.71 -26.58
N VAL A 255 -2.10 10.17 -25.35
CA VAL A 255 -2.17 11.60 -25.08
C VAL A 255 -0.87 12.29 -25.50
N LEU A 256 0.27 11.70 -25.14
CA LEU A 256 1.56 12.26 -25.55
C LEU A 256 1.72 12.30 -27.06
N ALA A 257 1.39 11.21 -27.76
CA ALA A 257 1.52 11.16 -29.21
C ALA A 257 0.65 12.22 -29.87
N LEU A 258 -0.55 12.42 -29.35
CA LEU A 258 -1.47 13.41 -29.93
C LEU A 258 -0.98 14.83 -29.68
N LEU A 259 -0.47 15.12 -28.49
CA LEU A 259 0.09 16.46 -28.20
C LEU A 259 1.33 16.73 -29.05
N ARG A 260 2.09 15.70 -29.40
CA ARG A 260 3.26 15.91 -30.25
C ARG A 260 2.88 16.05 -31.74
N HIS A 261 1.61 15.78 -32.05
CA HIS A 261 1.12 16.00 -33.41
C HIS A 261 -0.28 16.57 -33.35
N PRO A 262 -0.40 17.80 -32.82
CA PRO A 262 -1.71 18.37 -32.44
C PRO A 262 -2.71 18.49 -33.59
N GLU A 263 -2.24 18.39 -34.84
CA GLU A 263 -3.14 18.38 -36.00
C GLU A 263 -4.03 17.13 -35.95
N GLN A 264 -3.52 16.04 -35.38
CA GLN A 264 -4.29 14.80 -35.32
C GLN A 264 -5.40 14.78 -34.27
N ILE A 265 -5.43 15.78 -33.38
CA ILE A 265 -6.42 15.80 -32.29
C ILE A 265 -7.86 15.90 -32.81
N ALA A 266 -8.03 16.59 -33.92
CA ALA A 266 -9.35 16.81 -34.54
C ALA A 266 -10.12 15.52 -34.79
N ALA A 267 -9.41 14.45 -35.14
CA ALA A 267 -10.06 13.16 -35.36
C ALA A 267 -10.82 12.70 -34.12
N LEU A 268 -10.42 13.24 -32.96
CA LEU A 268 -10.97 12.86 -31.67
C LEU A 268 -11.91 13.92 -31.13
N ARG A 269 -12.28 14.87 -31.97
CA ARG A 269 -13.22 15.89 -31.52
C ARG A 269 -14.46 15.85 -32.42
N GLY A 270 -14.58 14.77 -33.19
CA GLY A 270 -15.73 14.56 -34.05
C GLY A 270 -16.62 13.41 -33.59
N ASP A 271 -17.15 12.62 -34.53
CA ASP A 271 -18.07 11.55 -34.18
C ASP A 271 -17.36 10.25 -33.73
N ASP A 272 -18.15 9.22 -33.43
CA ASP A 272 -17.56 7.98 -32.92
C ASP A 272 -16.72 7.26 -33.96
N GLN A 273 -17.17 7.33 -35.20
CA GLN A 273 -16.51 6.61 -36.28
C GLN A 273 -15.10 7.14 -36.51
N SER A 274 -14.90 8.46 -36.40
CA SER A 274 -13.56 9.05 -36.43
C SER A 274 -12.73 8.71 -35.20
N ALA A 275 -13.35 8.75 -34.03
CA ALA A 275 -12.63 8.45 -32.80
C ALA A 275 -12.16 6.99 -32.79
N ASP A 276 -13.05 6.09 -33.22
CA ASP A 276 -12.68 4.67 -33.28
C ASP A 276 -11.55 4.43 -34.28
N ARG A 277 -11.61 5.11 -35.43
CA ARG A 277 -10.53 5.05 -36.41
C ARG A 277 -9.19 5.60 -35.85
N ALA A 278 -9.26 6.74 -35.18
CA ALA A 278 -8.04 7.31 -34.59
C ALA A 278 -7.46 6.36 -33.53
N VAL A 279 -8.34 5.74 -32.74
CA VAL A 279 -7.93 4.88 -31.63
C VAL A 279 -7.19 3.66 -32.18
N ASP A 280 -7.72 3.09 -33.27
CA ASP A 280 -7.07 1.93 -33.85
C ASP A 280 -5.69 2.26 -34.42
N GLU A 281 -5.55 3.44 -35.01
CA GLU A 281 -4.22 3.86 -35.46
C GLU A 281 -3.24 4.08 -34.30
N LEU A 282 -3.72 4.68 -33.21
CA LEU A 282 -2.87 4.83 -32.03
C LEU A 282 -2.48 3.47 -31.44
N ILE A 283 -3.42 2.53 -31.49
CA ILE A 283 -3.15 1.20 -30.99
C ILE A 283 -2.03 0.54 -31.80
N ARG A 284 -2.07 0.72 -33.12
CA ARG A 284 -1.07 0.12 -33.99
C ARG A 284 0.26 0.86 -33.92
N TYR A 285 0.19 2.17 -33.97
CA TYR A 285 1.39 2.98 -33.98
C TYR A 285 2.18 2.82 -32.67
N LEU A 286 1.47 2.74 -31.55
CA LEU A 286 2.13 2.65 -30.24
C LEU A 286 2.52 1.23 -29.88
N THR A 287 1.70 0.25 -30.30
CA THR A 287 1.83 -1.18 -29.91
C THR A 287 2.50 -1.36 -28.53
N VAL A 288 1.77 -1.08 -27.47
CA VAL A 288 2.44 -1.04 -26.18
C VAL A 288 2.94 -2.41 -25.68
N PRO A 289 2.25 -3.54 -26.00
CA PRO A 289 2.91 -4.78 -25.56
C PRO A 289 4.12 -5.20 -26.44
N TYR A 290 5.25 -5.52 -25.81
CA TYR A 290 6.47 -5.88 -26.54
C TYR A 290 6.33 -7.24 -27.23
N ALA A 291 5.61 -8.17 -26.61
CA ALA A 291 5.53 -9.54 -27.09
C ALA A 291 4.30 -10.25 -26.53
N PRO A 292 3.75 -11.19 -27.31
CA PRO A 292 2.72 -12.08 -26.77
C PRO A 292 3.39 -13.19 -25.96
N THR A 293 2.60 -14.15 -25.51
CA THR A 293 3.15 -15.28 -24.80
C THR A 293 4.13 -16.00 -25.73
N PRO A 294 5.30 -16.40 -25.19
CA PRO A 294 6.22 -17.16 -26.04
C PRO A 294 5.54 -18.41 -26.63
N ARG A 295 5.94 -18.78 -27.84
CA ARG A 295 5.38 -19.98 -28.46
C ARG A 295 6.42 -21.08 -28.47
N THR A 296 5.95 -22.31 -28.39
CA THR A 296 6.82 -23.47 -28.52
C THR A 296 6.42 -24.28 -29.75
N ALA A 297 7.39 -24.56 -30.61
CA ALA A 297 7.14 -25.40 -31.77
C ALA A 297 6.75 -26.83 -31.34
N VAL A 298 5.56 -27.24 -31.71
CA VAL A 298 5.09 -28.59 -31.43
C VAL A 298 5.69 -29.56 -32.45
N GLU A 299 6.18 -29.02 -33.55
CA GLU A 299 6.85 -29.81 -34.57
C GLU A 299 7.75 -28.92 -35.42
N ASP A 300 8.55 -29.54 -36.28
CA ASP A 300 9.35 -28.77 -37.23
C ASP A 300 8.42 -27.93 -38.10
N VAL A 301 8.65 -26.61 -38.13
CA VAL A 301 7.86 -25.70 -38.95
C VAL A 301 8.74 -24.95 -39.91
N MET A 302 8.49 -25.13 -41.19
CA MET A 302 9.28 -24.50 -42.24
C MET A 302 8.80 -23.08 -42.51
N VAL A 303 9.72 -22.12 -42.58
CA VAL A 303 9.37 -20.73 -42.92
C VAL A 303 10.40 -20.17 -43.89
N ALA A 304 10.04 -20.12 -45.17
CA ALA A 304 10.96 -19.80 -46.29
C ALA A 304 12.09 -20.82 -46.32
N ASP A 305 13.32 -20.37 -46.07
CA ASP A 305 14.46 -21.29 -46.08
C ASP A 305 14.97 -21.65 -44.68
N GLN A 306 14.25 -21.24 -43.64
CA GLN A 306 14.63 -21.64 -42.28
C GLN A 306 13.65 -22.66 -41.70
N VAL A 307 14.09 -23.36 -40.66
CA VAL A 307 13.22 -24.35 -40.01
C VAL A 307 13.25 -24.17 -38.51
N ILE A 308 12.08 -23.91 -37.94
CA ILE A 308 11.92 -23.84 -36.49
C ILE A 308 11.75 -25.25 -35.97
N LYS A 309 12.81 -25.82 -35.40
CA LYS A 309 12.79 -27.22 -34.99
C LYS A 309 11.88 -27.37 -33.80
N GLU A 310 11.17 -28.48 -33.75
CA GLU A 310 10.30 -28.82 -32.62
C GLU A 310 10.95 -28.56 -31.26
N GLY A 311 10.26 -27.84 -30.39
CA GLY A 311 10.79 -27.57 -29.07
C GLY A 311 11.53 -26.24 -28.96
N GLU A 312 11.94 -25.68 -30.10
CA GLU A 312 12.53 -24.35 -30.09
C GLU A 312 11.41 -23.33 -29.84
N THR A 313 11.76 -22.17 -29.29
CA THR A 313 10.72 -21.23 -28.88
C THR A 313 10.76 -19.99 -29.76
N VAL A 314 9.59 -19.40 -29.99
CA VAL A 314 9.46 -18.19 -30.80
C VAL A 314 9.00 -16.98 -29.98
N LEU A 315 9.79 -15.91 -30.02
CA LEU A 315 9.37 -14.60 -29.50
C LEU A 315 8.87 -13.69 -30.60
N CYS A 316 7.61 -13.26 -30.52
CA CYS A 316 7.10 -12.30 -31.50
C CYS A 316 7.27 -10.85 -31.06
N SER A 317 7.91 -10.05 -31.90
CA SER A 317 7.94 -8.61 -31.69
C SER A 317 6.71 -7.97 -32.34
N LEU A 318 5.70 -7.69 -31.53
CA LEU A 318 4.49 -7.02 -32.00
C LEU A 318 4.75 -5.58 -32.55
N PRO A 319 5.60 -4.75 -31.86
CA PRO A 319 5.93 -3.42 -32.42
C PRO A 319 6.53 -3.48 -33.84
N MET A 320 7.59 -4.27 -34.01
CA MET A 320 8.20 -4.43 -35.33
C MET A 320 7.18 -4.91 -36.38
N ALA A 321 6.39 -5.92 -36.03
CA ALA A 321 5.38 -6.44 -36.95
C ALA A 321 4.44 -5.35 -37.40
N ASN A 322 4.13 -4.42 -36.50
CA ASN A 322 3.22 -3.34 -36.83
C ASN A 322 3.91 -2.15 -37.50
N ARG A 323 5.22 -2.26 -37.70
CA ARG A 323 5.95 -1.25 -38.47
C ARG A 323 6.36 -1.80 -39.83
N ASP A 324 5.98 -3.04 -40.11
CA ASP A 324 6.36 -3.70 -41.36
C ASP A 324 5.72 -3.04 -42.60
N ARG A 325 6.56 -2.66 -43.55
CA ARG A 325 6.09 -2.11 -44.83
C ARG A 325 5.08 -3.03 -45.54
N ALA A 326 5.16 -4.33 -45.24
CA ALA A 326 4.22 -5.26 -45.85
C ALA A 326 2.83 -5.12 -45.22
N LEU A 327 2.76 -4.53 -44.03
CA LEU A 327 1.45 -4.25 -43.43
C LEU A 327 0.84 -2.94 -43.97
N LEU A 328 1.66 -1.91 -44.12
CA LEU A 328 1.19 -0.60 -44.60
C LEU A 328 2.35 0.35 -44.97
N PRO A 329 2.12 1.24 -45.94
CA PRO A 329 3.11 2.28 -46.29
C PRO A 329 3.12 3.37 -45.24
N ASP A 330 4.25 4.06 -45.10
CA ASP A 330 4.39 5.11 -44.10
C ASP A 330 4.13 4.58 -42.71
N ALA A 331 4.50 3.33 -42.48
CA ALA A 331 4.23 2.66 -41.20
C ALA A 331 4.74 3.46 -39.99
N ASP A 332 5.81 4.23 -40.20
CA ASP A 332 6.49 4.90 -39.11
C ASP A 332 5.91 6.27 -38.82
N ARG A 333 4.94 6.70 -39.62
CA ARG A 333 4.25 7.94 -39.37
C ARG A 333 2.90 7.66 -38.71
N LEU A 334 2.55 8.50 -37.74
CA LEU A 334 1.23 8.51 -37.15
C LEU A 334 0.27 9.27 -38.07
N ASP A 335 -0.88 8.66 -38.34
CA ASP A 335 -1.92 9.30 -39.12
C ASP A 335 -3.25 8.71 -38.71
N VAL A 336 -3.91 9.35 -37.75
CA VAL A 336 -5.08 8.77 -37.13
C VAL A 336 -6.30 8.76 -38.05
N THR A 337 -6.16 9.31 -39.25
CA THR A 337 -7.24 9.34 -40.24
C THR A 337 -7.10 8.28 -41.33
N ARG A 338 -5.97 7.58 -41.28
CA ARG A 338 -5.68 6.44 -42.15
C ARG A 338 -6.68 5.26 -41.93
N THR A 339 -6.98 4.51 -42.99
CA THR A 339 -7.84 3.32 -42.86
C THR A 339 -7.16 2.25 -42.03
N PRO A 340 -7.89 1.66 -41.07
CA PRO A 340 -7.33 0.60 -40.19
C PRO A 340 -6.69 -0.56 -40.96
N VAL A 341 -5.68 -1.18 -40.36
CA VAL A 341 -5.00 -2.31 -40.97
C VAL A 341 -4.98 -3.53 -40.03
N PRO A 342 -4.77 -4.73 -40.59
CA PRO A 342 -4.70 -5.93 -39.75
C PRO A 342 -3.42 -6.01 -38.91
N HIS A 343 -3.21 -5.01 -38.06
CA HIS A 343 -2.12 -5.03 -37.10
C HIS A 343 -2.33 -6.17 -36.05
N VAL A 344 -1.29 -6.42 -35.26
CA VAL A 344 -1.32 -7.47 -34.28
C VAL A 344 -1.07 -7.00 -32.85
N ALA A 345 -1.40 -5.75 -32.55
CA ALA A 345 -1.23 -5.25 -31.18
C ALA A 345 -2.17 -5.97 -30.21
N PHE A 346 -3.28 -6.52 -30.73
CA PHE A 346 -4.22 -7.27 -29.91
C PHE A 346 -3.97 -8.77 -30.10
N GLY A 347 -2.87 -9.11 -30.72
CA GLY A 347 -2.62 -10.50 -31.06
C GLY A 347 -3.41 -10.92 -32.29
N HIS A 348 -3.57 -12.22 -32.46
CA HIS A 348 -4.16 -12.79 -33.68
C HIS A 348 -4.41 -14.30 -33.53
N GLY A 349 -5.64 -14.71 -33.80
CA GLY A 349 -5.97 -16.12 -33.70
C GLY A 349 -6.78 -16.43 -32.46
N ILE A 350 -6.53 -17.60 -31.89
CA ILE A 350 -7.41 -18.06 -30.84
C ILE A 350 -7.19 -17.30 -29.53
N HIS A 351 -6.01 -16.69 -29.37
CA HIS A 351 -5.69 -15.99 -28.12
C HIS A 351 -5.93 -14.49 -28.26
N HIS A 352 -6.45 -14.09 -29.43
CA HIS A 352 -6.76 -12.70 -29.73
C HIS A 352 -7.45 -12.01 -28.54
N CYS A 353 -6.97 -10.80 -28.24
CA CYS A 353 -7.29 -10.14 -26.99
C CYS A 353 -8.78 -10.17 -26.62
N LEU A 354 -9.06 -10.78 -25.47
CA LEU A 354 -10.43 -10.93 -25.01
C LEU A 354 -11.03 -9.59 -24.60
N GLY A 355 -10.19 -8.62 -24.24
CA GLY A 355 -10.67 -7.28 -23.91
C GLY A 355 -10.52 -6.24 -25.01
N ALA A 356 -10.51 -6.66 -26.27
CA ALA A 356 -10.30 -5.72 -27.36
C ALA A 356 -11.45 -4.71 -27.50
N ALA A 357 -12.69 -5.20 -27.49
CA ALA A 357 -13.85 -4.34 -27.64
C ALA A 357 -13.92 -3.37 -26.47
N LEU A 358 -13.69 -3.88 -25.27
CA LEU A 358 -13.70 -3.08 -24.07
C LEU A 358 -12.58 -2.05 -24.09
N THR A 359 -11.41 -2.44 -24.60
CA THR A 359 -10.32 -1.48 -24.76
C THR A 359 -10.69 -0.34 -25.72
N ARG A 360 -11.25 -0.70 -26.87
CA ARG A 360 -11.63 0.29 -27.88
C ARG A 360 -12.68 1.25 -27.36
N LEU A 361 -13.58 0.74 -26.51
CA LEU A 361 -14.65 1.55 -25.94
C LEU A 361 -14.12 2.53 -24.87
N GLN A 362 -13.31 2.01 -23.94
CA GLN A 362 -12.61 2.83 -22.97
C GLN A 362 -11.83 3.94 -23.60
N LEU A 363 -11.00 3.57 -24.56
CA LEU A 363 -10.04 4.49 -25.13
C LEU A 363 -10.76 5.61 -25.88
N ARG A 364 -11.88 5.27 -26.52
CA ARG A 364 -12.68 6.29 -27.18
C ARG A 364 -13.30 7.27 -26.18
N ILE A 365 -13.90 6.70 -25.13
CA ILE A 365 -14.53 7.49 -24.09
C ILE A 365 -13.47 8.34 -23.39
N ALA A 366 -12.34 7.74 -23.02
CA ALA A 366 -11.26 8.47 -22.35
C ALA A 366 -10.69 9.61 -23.20
N TYR A 367 -10.17 9.28 -24.38
CA TYR A 367 -9.54 10.30 -25.21
C TYR A 367 -10.48 11.48 -25.52
N THR A 368 -11.72 11.18 -25.93
CA THR A 368 -12.64 12.25 -26.32
C THR A 368 -13.12 13.07 -25.13
N ALA A 369 -13.36 12.44 -23.99
CA ALA A 369 -13.82 13.20 -22.81
C ALA A 369 -12.70 14.14 -22.34
N LEU A 370 -11.46 13.68 -22.43
CA LEU A 370 -10.30 14.49 -22.05
C LEU A 370 -10.21 15.82 -22.81
N TRP A 371 -10.38 15.80 -24.13
CA TRP A 371 -10.33 17.05 -24.90
C TRP A 371 -11.65 17.84 -24.85
N ARG A 372 -12.75 17.18 -24.51
CA ARG A 372 -14.01 17.89 -24.27
C ARG A 372 -13.83 18.75 -23.02
N ARG A 373 -13.28 18.15 -21.97
CA ARG A 373 -13.03 18.88 -20.74
C ARG A 373 -11.88 19.91 -20.85
N PHE A 374 -10.81 19.55 -21.56
CA PHE A 374 -9.60 20.38 -21.67
C PHE A 374 -9.20 20.63 -23.12
N PRO A 375 -9.99 21.43 -23.85
CA PRO A 375 -9.70 21.59 -25.28
C PRO A 375 -8.29 22.12 -25.57
N ALA A 376 -7.72 22.96 -24.71
CA ALA A 376 -6.33 23.38 -24.93
C ALA A 376 -5.32 22.61 -24.08
N LEU A 377 -5.57 21.32 -23.89
CA LEU A 377 -4.60 20.41 -23.26
C LEU A 377 -3.19 20.56 -23.86
N GLN A 378 -2.19 20.58 -22.99
CA GLN A 378 -0.80 20.70 -23.42
C GLN A 378 0.13 20.09 -22.37
N LEU A 379 1.37 19.82 -22.76
CA LEU A 379 2.39 19.47 -21.79
C LEU A 379 2.61 20.67 -20.89
N ALA A 380 2.53 20.44 -19.58
CA ALA A 380 2.75 21.49 -18.61
C ALA A 380 4.14 22.08 -18.77
N ASP A 381 5.09 21.24 -19.15
CA ASP A 381 6.49 21.65 -19.25
C ASP A 381 7.14 20.93 -20.43
N PRO A 382 7.15 21.56 -21.60
CA PRO A 382 7.71 20.99 -22.83
C PRO A 382 9.20 20.64 -22.71
N ALA A 383 9.86 21.16 -21.68
CA ALA A 383 11.29 20.97 -21.49
C ALA A 383 11.58 19.80 -20.56
N GLN A 384 10.55 19.28 -19.90
CA GLN A 384 10.72 18.15 -19.00
C GLN A 384 11.05 16.87 -19.76
N GLU A 385 11.95 16.07 -19.21
CA GLU A 385 12.28 14.78 -19.79
C GLU A 385 11.02 13.89 -19.86
N ILE A 386 10.85 13.17 -20.95
CA ILE A 386 9.75 12.23 -21.02
C ILE A 386 10.06 11.01 -20.17
N MET A 387 9.12 10.61 -19.34
CA MET A 387 9.32 9.54 -18.36
C MET A 387 8.68 8.22 -18.76
N PHE A 388 9.44 7.38 -19.47
CA PHE A 388 8.88 6.16 -20.01
C PHE A 388 8.81 5.04 -19.01
N ARG A 389 7.79 4.19 -19.17
CA ARG A 389 7.65 3.00 -18.34
C ARG A 389 8.22 1.82 -19.12
N THR A 390 9.32 1.26 -18.60
CA THR A 390 10.07 0.24 -19.32
C THR A 390 10.14 -1.11 -18.61
N SER A 391 9.72 -1.15 -17.35
CA SER A 391 9.88 -2.36 -16.53
C SER A 391 8.76 -3.41 -16.69
N THR A 392 7.56 -2.97 -17.04
CA THR A 392 6.39 -3.84 -17.07
C THR A 392 6.24 -4.48 -18.47
N PRO A 393 5.25 -5.39 -18.67
CA PRO A 393 5.15 -5.98 -20.02
C PRO A 393 4.61 -5.01 -21.08
N ALA A 394 4.20 -3.81 -20.67
CA ALA A 394 3.64 -2.84 -21.60
C ALA A 394 4.37 -1.50 -21.54
N TYR A 395 4.82 -1.00 -22.70
CA TYR A 395 5.36 0.35 -22.79
C TYR A 395 4.29 1.33 -22.28
N GLY A 396 4.74 2.40 -21.63
CA GLY A 396 3.84 3.37 -21.05
C GLY A 396 4.61 4.61 -20.63
N LEU A 397 3.98 5.43 -19.78
CA LEU A 397 4.65 6.54 -19.11
C LEU A 397 4.49 6.37 -17.60
N THR A 398 5.47 6.79 -16.81
CA THR A 398 5.33 6.72 -15.36
C THR A 398 4.70 8.01 -14.82
N SER A 399 4.91 9.10 -15.53
CA SER A 399 4.22 10.35 -15.24
C SER A 399 4.21 11.30 -16.46
N LEU A 400 3.34 12.29 -16.40
CA LEU A 400 3.19 13.25 -17.47
C LEU A 400 2.39 14.42 -16.95
N LEU A 401 3.06 15.53 -16.71
CA LEU A 401 2.42 16.75 -16.23
C LEU A 401 1.78 17.50 -17.40
N VAL A 402 0.48 17.75 -17.28
CA VAL A 402 -0.28 18.45 -18.31
C VAL A 402 -0.94 19.72 -17.79
N ALA A 403 -1.10 20.70 -18.67
CA ALA A 403 -1.81 21.93 -18.33
C ALA A 403 -2.92 22.16 -19.34
N TRP A 404 -3.69 23.23 -19.17
CA TRP A 404 -4.85 23.45 -20.01
C TRP A 404 -5.39 24.84 -19.83
N GLY B 1 7.32 -30.86 21.78
CA GLY B 1 7.28 -29.49 21.31
C GLY B 1 6.03 -28.76 21.75
N ALA B 2 6.11 -27.43 21.66
CA ALA B 2 5.03 -26.53 22.05
C ALA B 2 3.89 -26.53 21.04
N MET B 3 2.65 -26.57 21.54
CA MET B 3 1.46 -26.45 20.71
C MET B 3 1.41 -25.06 20.04
N GLY B 4 0.47 -24.87 19.13
CA GLY B 4 0.40 -23.64 18.34
C GLY B 4 -0.68 -22.63 18.76
N ARG B 5 -1.04 -21.74 17.83
CA ARG B 5 -2.06 -20.72 18.10
C ARG B 5 -3.43 -21.20 17.67
N PRO B 6 -4.48 -20.73 18.34
CA PRO B 6 -5.83 -20.97 17.81
C PRO B 6 -6.05 -20.18 16.51
N ALA B 7 -7.00 -20.62 15.71
CA ALA B 7 -7.31 -19.89 14.50
C ALA B 7 -7.86 -18.51 14.82
N LEU B 8 -7.35 -17.53 14.11
CA LEU B 8 -7.90 -16.19 14.13
C LEU B 8 -9.06 -16.17 13.14
N GLU B 9 -10.28 -16.06 13.64
CA GLU B 9 -11.43 -16.08 12.76
C GLU B 9 -12.61 -15.34 13.38
N ALA B 10 -13.62 -15.04 12.56
CA ALA B 10 -14.85 -14.46 13.05
C ALA B 10 -15.43 -15.37 14.10
N VAL B 11 -16.03 -14.80 15.13
CA VAL B 11 -16.48 -15.60 16.26
C VAL B 11 -17.85 -15.11 16.70
N THR B 12 -18.73 -16.01 17.14
CA THR B 12 -20.03 -15.57 17.62
C THR B 12 -19.82 -14.61 18.76
N ARG B 13 -20.42 -13.43 18.67
CA ARG B 13 -20.17 -12.44 19.71
C ARG B 13 -20.74 -12.94 21.05
N PRO B 14 -19.90 -12.94 22.09
CA PRO B 14 -20.34 -13.23 23.45
C PRO B 14 -20.96 -11.99 24.10
N GLU B 15 -21.60 -12.21 25.25
CA GLU B 15 -22.24 -11.13 25.98
C GLU B 15 -21.20 -10.23 26.61
N ARG B 16 -20.08 -10.82 27.01
CA ARG B 16 -19.01 -10.07 27.65
C ARG B 16 -17.70 -10.19 26.87
N VAL B 17 -17.50 -9.25 25.96
CA VAL B 17 -16.33 -9.24 25.09
C VAL B 17 -15.13 -8.71 25.87
N PRO B 18 -14.03 -9.48 25.90
CA PRO B 18 -12.89 -9.02 26.70
C PRO B 18 -12.10 -7.92 26.01
N LEU B 19 -11.43 -7.09 26.81
CA LEU B 19 -10.40 -6.21 26.32
C LEU B 19 -9.14 -7.00 25.95
N THR B 20 -8.33 -6.49 25.02
CA THR B 20 -6.99 -7.04 24.88
C THR B 20 -6.14 -6.56 26.05
N ALA B 21 -4.97 -7.15 26.21
CA ALA B 21 -4.03 -6.73 27.25
C ALA B 21 -3.61 -5.28 27.06
N ARG B 22 -3.40 -4.86 25.81
CA ARG B 22 -3.04 -3.48 25.51
C ARG B 22 -4.16 -2.52 25.92
N GLN B 23 -5.41 -2.88 25.62
CA GLN B 23 -6.57 -2.05 25.98
C GLN B 23 -6.74 -1.90 27.51
N LEU B 24 -6.64 -3.02 28.22
CA LEU B 24 -6.77 -3.03 29.67
C LEU B 24 -5.73 -2.12 30.34
N ARG B 25 -4.52 -2.06 29.79
CA ARG B 25 -3.52 -1.17 30.35
C ARG B 25 -3.89 0.28 30.06
N ALA B 26 -4.31 0.54 28.83
CA ALA B 26 -4.81 1.87 28.48
C ALA B 26 -5.96 2.26 29.41
N TRP B 27 -6.90 1.35 29.63
CA TRP B 27 -8.08 1.63 30.45
C TRP B 27 -7.67 1.94 31.88
N LEU B 28 -6.84 1.09 32.47
CA LEU B 28 -6.39 1.28 33.84
C LEU B 28 -5.62 2.58 34.06
N LEU B 29 -4.81 2.98 33.09
CA LEU B 29 -3.99 4.17 33.27
C LEU B 29 -4.68 5.41 32.75
N ALA B 30 -6.01 5.34 32.66
CA ALA B 30 -6.77 6.47 32.15
C ALA B 30 -6.99 7.55 33.22
N ARG B 31 -6.58 8.77 32.88
CA ARG B 31 -6.81 9.96 33.69
C ARG B 31 -6.40 9.81 35.16
N PRO B 32 -5.08 9.68 35.42
CA PRO B 32 -4.54 9.56 36.79
C PRO B 32 -4.54 10.91 37.50
N SER B 33 -4.65 11.96 36.68
CA SER B 33 -4.83 13.33 37.11
C SER B 33 -5.59 14.05 36.02
N GLU B 34 -6.23 15.15 36.37
CA GLU B 34 -6.96 15.90 35.36
C GLU B 34 -6.05 16.95 34.72
N GLU B 35 -4.78 16.94 35.11
CA GLU B 35 -3.74 17.74 34.49
C GLU B 35 -2.75 16.84 33.71
N THR B 36 -3.20 15.64 33.36
CA THR B 36 -2.44 14.67 32.58
C THR B 36 -3.04 14.52 31.19
N ARG B 37 -2.24 14.70 30.13
CA ARG B 37 -2.70 14.33 28.78
C ARG B 37 -2.98 12.81 28.82
N GLY B 38 -4.00 12.27 28.14
CA GLY B 38 -4.48 12.71 26.86
C GLY B 38 -3.71 11.81 25.90
N ARG B 39 -3.80 10.48 26.06
CA ARG B 39 -3.07 9.56 25.16
C ARG B 39 -3.84 9.32 23.88
N HIS B 40 -3.67 10.25 22.95
CA HIS B 40 -4.51 10.34 21.77
C HIS B 40 -3.70 10.33 20.48
N LEU B 41 -4.35 9.96 19.41
CA LEU B 41 -3.83 10.23 18.09
C LEU B 41 -4.77 11.27 17.50
N SER B 42 -4.19 12.37 17.03
CA SER B 42 -4.96 13.42 16.38
C SER B 42 -4.46 13.72 14.96
N VAL B 43 -5.39 13.75 14.02
CA VAL B 43 -5.08 14.14 12.68
C VAL B 43 -6.06 15.24 12.29
N ALA B 44 -5.57 16.26 11.59
CA ALA B 44 -6.43 17.27 11.01
C ALA B 44 -6.20 17.41 9.49
N LEU B 45 -7.27 17.44 8.70
CA LEU B 45 -7.17 17.67 7.27
C LEU B 45 -7.72 19.02 6.87
N ARG B 46 -6.97 19.76 6.07
CA ARG B 46 -7.48 20.97 5.44
C ARG B 46 -8.24 20.56 4.19
N LEU B 47 -9.41 21.15 3.98
CA LEU B 47 -10.26 20.78 2.86
C LEU B 47 -10.65 22.05 2.07
N ARG B 48 -10.20 22.15 0.83
CA ARG B 48 -10.46 23.32 -0.01
C ARG B 48 -11.37 22.96 -1.19
N GLY B 49 -12.53 23.60 -1.25
CA GLY B 49 -13.50 23.27 -2.27
C GLY B 49 -14.90 23.21 -1.69
N ARG B 50 -15.85 22.75 -2.49
CA ARG B 50 -17.23 22.68 -2.00
C ARG B 50 -17.45 21.37 -1.23
N LEU B 51 -17.54 21.54 0.07
CA LEU B 51 -17.68 20.45 1.01
C LEU B 51 -19.16 20.12 1.25
N ASP B 52 -19.52 18.87 1.05
CA ASP B 52 -20.87 18.45 1.34
C ASP B 52 -20.89 18.04 2.82
N VAL B 53 -21.29 18.97 3.68
CA VAL B 53 -21.14 18.78 5.12
C VAL B 53 -22.04 17.64 5.65
N ALA B 54 -23.29 17.60 5.20
CA ALA B 54 -24.15 16.49 5.58
C ALA B 54 -23.56 15.13 5.13
N ALA B 55 -22.91 15.11 3.97
CA ALA B 55 -22.31 13.89 3.45
C ALA B 55 -21.11 13.48 4.29
N LEU B 56 -20.29 14.45 4.65
CA LEU B 56 -19.16 14.19 5.52
C LEU B 56 -19.66 13.60 6.85
N GLU B 57 -20.72 14.18 7.38
CA GLU B 57 -21.29 13.73 8.64
C GLU B 57 -21.79 12.28 8.54
N ALA B 58 -22.42 11.94 7.42
CA ALA B 58 -22.91 10.58 7.24
C ALA B 58 -21.75 9.62 7.06
N ALA B 59 -20.68 10.13 6.46
CA ALA B 59 -19.52 9.32 6.15
C ALA B 59 -18.78 8.91 7.42
N LEU B 60 -18.53 9.89 8.29
CA LEU B 60 -17.92 9.65 9.60
C LEU B 60 -18.68 8.56 10.37
N ARG B 61 -20.00 8.71 10.38
CA ARG B 61 -20.91 7.70 10.91
C ARG B 61 -20.71 6.32 10.24
N ASP B 62 -20.49 6.31 8.92
CA ASP B 62 -20.29 5.06 8.18
C ASP B 62 -18.98 4.38 8.49
N VAL B 63 -17.96 5.16 8.82
CA VAL B 63 -16.68 4.58 9.17
C VAL B 63 -16.84 3.79 10.46
N ALA B 64 -17.62 4.32 11.39
CA ALA B 64 -17.83 3.61 12.65
C ALA B 64 -18.78 2.45 12.46
N ALA B 65 -19.66 2.57 11.47
CA ALA B 65 -20.55 1.45 11.16
C ALA B 65 -19.70 0.27 10.72
N ARG B 66 -18.69 0.55 9.90
CA ARG B 66 -17.79 -0.47 9.37
C ARG B 66 -16.92 -1.09 10.47
N HIS B 67 -16.44 -0.26 11.39
CA HIS B 67 -15.51 -0.69 12.45
C HIS B 67 -16.12 -0.65 13.85
N GLU B 68 -16.47 -1.80 14.40
CA GLU B 68 -17.11 -1.87 15.72
C GLU B 68 -16.35 -1.15 16.83
N ILE B 69 -15.04 -1.22 16.81
CA ILE B 69 -14.27 -0.63 17.89
C ILE B 69 -14.49 0.89 18.03
N LEU B 70 -14.83 1.58 16.93
CA LEU B 70 -15.18 3.00 16.98
C LEU B 70 -16.58 3.31 17.57
N ARG B 71 -17.41 2.28 17.77
CA ARG B 71 -18.67 2.44 18.48
C ARG B 71 -18.66 1.52 19.71
N THR B 72 -17.47 1.38 20.29
CA THR B 72 -17.33 0.60 21.50
C THR B 72 -17.06 1.52 22.70
N THR B 73 -17.73 1.25 23.82
CA THR B 73 -17.40 1.87 25.08
C THR B 73 -16.84 0.79 25.98
N PHE B 74 -16.27 1.20 27.12
CA PHE B 74 -15.60 0.25 28.01
C PHE B 74 -16.10 0.38 29.45
N PRO B 75 -17.36 0.00 29.69
CA PRO B 75 -17.93 0.11 31.03
C PRO B 75 -17.42 -0.94 31.99
N GLY B 76 -17.59 -0.67 33.29
CA GLY B 76 -17.24 -1.63 34.33
C GLY B 76 -16.22 -1.06 35.30
N ASP B 77 -15.77 -1.88 36.25
CA ASP B 77 -14.62 -1.57 37.11
C ASP B 77 -13.45 -2.46 36.69
N ALA B 78 -12.29 -2.32 37.34
CA ALA B 78 -11.10 -3.06 36.94
C ALA B 78 -11.33 -4.57 36.76
N GLN B 79 -12.29 -5.12 37.49
CA GLN B 79 -12.60 -6.54 37.39
C GLN B 79 -13.70 -6.86 36.38
N THR B 80 -14.50 -5.87 35.97
CA THR B 80 -15.58 -6.19 35.05
C THR B 80 -15.55 -5.47 33.70
N VAL B 81 -14.45 -4.78 33.37
CA VAL B 81 -14.40 -4.08 32.09
C VAL B 81 -14.64 -5.04 30.92
N HIS B 82 -15.54 -4.66 30.03
CA HIS B 82 -15.72 -5.42 28.82
C HIS B 82 -15.90 -4.42 27.67
N GLN B 83 -15.77 -4.90 26.45
CA GLN B 83 -16.08 -4.05 25.30
C GLN B 83 -17.58 -4.08 25.03
N HIS B 84 -18.24 -2.94 25.26
CA HIS B 84 -19.64 -2.81 24.90
C HIS B 84 -19.81 -2.20 23.49
N ILE B 85 -20.22 -3.04 22.55
CA ILE B 85 -20.33 -2.64 21.16
C ILE B 85 -21.72 -2.11 20.85
N HIS B 86 -21.80 -0.81 20.60
CA HIS B 86 -23.07 -0.18 20.23
C HIS B 86 -23.37 -0.40 18.74
N ASP B 87 -24.66 -0.39 18.38
CA ASP B 87 -25.08 -0.46 16.99
C ASP B 87 -24.55 0.67 16.12
N ALA B 88 -24.42 1.85 16.70
CA ALA B 88 -23.87 3.00 15.99
C ALA B 88 -23.11 3.98 16.89
N ALA B 89 -22.33 4.84 16.25
CA ALA B 89 -21.70 5.97 16.93
C ALA B 89 -22.40 7.25 16.51
N PRO B 90 -22.81 8.05 17.51
CA PRO B 90 -23.49 9.31 17.24
C PRO B 90 -22.53 10.28 16.59
N VAL B 91 -22.87 10.86 15.45
CA VAL B 91 -22.03 11.92 14.92
C VAL B 91 -22.89 13.13 14.63
N ARG B 92 -22.55 14.25 15.26
CA ARG B 92 -23.17 15.52 14.87
C ARG B 92 -22.08 16.51 14.48
N LEU B 93 -22.15 17.04 13.27
CA LEU B 93 -21.01 17.77 12.75
C LEU B 93 -21.36 19.21 12.36
N THR B 94 -21.90 19.95 13.30
CA THR B 94 -22.20 21.35 13.07
C THR B 94 -20.88 22.14 13.01
N PRO B 95 -20.65 22.86 11.91
CA PRO B 95 -19.42 23.61 11.72
C PRO B 95 -19.19 24.68 12.79
N VAL B 96 -17.92 24.88 13.12
CA VAL B 96 -17.48 25.85 14.09
C VAL B 96 -16.71 26.94 13.37
N PRO B 97 -17.23 28.19 13.38
CA PRO B 97 -16.51 29.29 12.71
C PRO B 97 -15.12 29.47 13.31
N ALA B 98 -14.14 29.77 12.47
CA ALA B 98 -12.76 29.86 12.94
C ALA B 98 -11.96 30.76 12.02
N THR B 99 -10.83 31.25 12.53
CA THR B 99 -9.90 32.03 11.73
C THR B 99 -8.58 31.31 11.65
N GLU B 100 -7.73 31.69 10.69
CA GLU B 100 -6.42 31.07 10.60
C GLU B 100 -5.64 31.23 11.90
N GLU B 101 -5.83 32.36 12.57
CA GLU B 101 -5.00 32.70 13.73
C GLU B 101 -5.46 31.98 14.99
N ASP B 102 -6.77 31.79 15.15
CA ASP B 102 -7.27 31.13 16.35
C ASP B 102 -7.32 29.61 16.18
N LEU B 103 -7.26 29.15 14.93
CA LEU B 103 -7.41 27.72 14.58
C LEU B 103 -6.45 26.76 15.30
N PRO B 104 -5.14 27.08 15.36
CA PRO B 104 -4.25 26.13 16.07
C PRO B 104 -4.68 25.91 17.52
N ALA B 105 -5.06 26.99 18.21
CA ALA B 105 -5.56 26.90 19.57
C ALA B 105 -6.79 25.99 19.68
N ARG B 106 -7.73 26.16 18.75
CA ARG B 106 -8.94 25.34 18.73
C ARG B 106 -8.64 23.86 18.46
N LEU B 107 -7.74 23.59 17.51
CA LEU B 107 -7.28 22.25 17.20
C LEU B 107 -6.66 21.57 18.41
N ALA B 108 -5.84 22.32 19.14
CA ALA B 108 -5.16 21.80 20.33
C ALA B 108 -6.15 21.46 21.44
N GLU B 109 -7.09 22.35 21.72
CA GLU B 109 -8.08 22.12 22.78
C GLU B 109 -8.94 20.90 22.51
N ARG B 110 -9.38 20.74 21.27
CA ARG B 110 -10.23 19.62 20.87
C ARG B 110 -9.48 18.28 20.98
N GLY B 111 -8.21 18.28 20.58
CA GLY B 111 -7.38 17.09 20.66
C GLY B 111 -6.91 16.79 22.08
N GLU B 112 -6.97 17.77 22.98
CA GLU B 112 -6.53 17.56 24.36
C GLU B 112 -7.64 17.04 25.27
N GLN B 113 -8.88 17.23 24.85
CA GLN B 113 -10.03 16.90 25.67
C GLN B 113 -10.07 15.43 26.12
N LEU B 114 -10.23 15.20 27.41
CA LEU B 114 -10.12 13.85 27.95
C LEU B 114 -11.36 13.00 27.65
N PHE B 115 -11.15 11.71 27.44
CA PHE B 115 -12.26 10.75 27.28
C PHE B 115 -12.60 10.09 28.61
N ASP B 116 -13.89 9.86 28.86
CA ASP B 116 -14.28 8.86 29.87
C ASP B 116 -14.72 7.58 29.14
N LEU B 117 -13.78 6.67 28.98
CA LEU B 117 -13.99 5.44 28.20
C LEU B 117 -15.09 4.52 28.74
N THR B 118 -15.63 4.80 29.93
CA THR B 118 -16.75 4.01 30.42
C THR B 118 -18.09 4.46 29.80
N ARG B 119 -18.17 5.70 29.32
CA ARG B 119 -19.42 6.15 28.72
C ARG B 119 -19.27 6.90 27.39
N ASP B 120 -18.04 7.20 26.97
CA ASP B 120 -17.82 7.89 25.69
C ASP B 120 -17.29 6.95 24.61
N MET B 121 -17.67 7.19 23.36
CA MET B 121 -17.02 6.56 22.23
C MET B 121 -15.55 7.03 22.20
N PRO B 122 -14.62 6.15 21.81
CA PRO B 122 -13.19 6.48 21.93
C PRO B 122 -12.65 7.36 20.78
N TRP B 123 -13.51 8.11 20.12
CA TRP B 123 -13.04 9.06 19.11
C TRP B 123 -13.97 10.24 19.07
N ARG B 124 -13.62 11.21 18.26
CA ARG B 124 -14.19 12.54 18.38
C ARG B 124 -13.79 13.37 17.15
N CYS B 125 -14.74 14.05 16.55
CA CYS B 125 -14.44 14.84 15.39
C CYS B 125 -15.02 16.24 15.52
N GLU B 126 -14.41 17.21 14.85
CA GLU B 126 -14.99 18.55 14.75
C GLU B 126 -14.67 19.16 13.39
N LEU B 127 -15.56 20.00 12.91
CA LEU B 127 -15.35 20.64 11.62
C LEU B 127 -15.27 22.15 11.82
N PHE B 128 -14.14 22.71 11.45
CA PHE B 128 -13.91 24.15 11.56
C PHE B 128 -14.16 24.83 10.21
N ALA B 129 -14.95 25.91 10.21
CA ALA B 129 -15.23 26.63 8.98
C ALA B 129 -14.41 27.92 8.89
N LEU B 130 -13.55 27.99 7.89
CA LEU B 130 -12.66 29.12 7.69
C LEU B 130 -13.23 30.10 6.67
N SER B 131 -13.79 29.58 5.58
CA SER B 131 -14.57 30.37 4.64
C SER B 131 -15.50 29.43 3.88
N GLU B 132 -16.18 29.92 2.86
CA GLU B 132 -17.21 29.11 2.19
C GLU B 132 -16.62 27.87 1.52
N LYS B 133 -15.36 27.93 1.09
CA LYS B 133 -14.74 26.78 0.45
C LYS B 133 -13.45 26.31 1.16
N GLU B 134 -13.32 26.66 2.43
CA GLU B 134 -12.14 26.27 3.21
C GLU B 134 -12.56 25.75 4.57
N HIS B 135 -12.33 24.46 4.81
CA HIS B 135 -12.64 23.86 6.10
C HIS B 135 -11.45 23.07 6.62
N VAL B 136 -11.44 22.85 7.93
CA VAL B 136 -10.51 21.90 8.53
C VAL B 136 -11.27 20.85 9.33
N LEU B 137 -11.05 19.59 8.99
CA LEU B 137 -11.61 18.49 9.75
C LEU B 137 -10.60 17.98 10.79
N SER B 138 -11.02 17.94 12.03
CA SER B 138 -10.17 17.47 13.12
C SER B 138 -10.69 16.14 13.68
N VAL B 139 -9.84 15.11 13.67
CA VAL B 139 -10.18 13.80 14.23
C VAL B 139 -9.22 13.38 15.33
N THR B 140 -9.77 12.98 16.47
CA THR B 140 -8.98 12.51 17.60
C THR B 140 -9.44 11.11 17.99
N VAL B 141 -8.50 10.17 18.09
CA VAL B 141 -8.85 8.82 18.54
C VAL B 141 -8.04 8.44 19.79
N HIS B 142 -8.72 7.90 20.79
CA HIS B 142 -8.02 7.39 21.96
C HIS B 142 -7.22 6.11 21.63
N ARG B 143 -6.03 5.99 22.21
CA ARG B 143 -5.14 4.86 21.94
C ARG B 143 -5.68 3.50 22.35
N ILE B 144 -6.77 3.46 23.11
CA ILE B 144 -7.44 2.20 23.39
C ILE B 144 -8.09 1.63 22.11
N ALA B 145 -8.23 2.48 21.10
CA ALA B 145 -8.99 2.12 19.91
C ALA B 145 -8.17 2.13 18.64
N ALA B 146 -6.99 2.75 18.65
CA ALA B 146 -6.22 2.91 17.42
C ALA B 146 -4.72 2.99 17.66
N ASP B 147 -3.97 2.28 16.82
CA ASP B 147 -2.55 2.54 16.62
C ASP B 147 -2.40 3.53 15.45
N ASP B 148 -1.16 3.87 15.10
CA ASP B 148 -0.91 4.88 14.07
C ASP B 148 -1.29 4.43 12.66
N ASP B 149 -1.00 3.19 12.29
CA ASP B 149 -1.49 2.62 11.02
C ASP B 149 -3.01 2.80 10.89
N SER B 150 -3.72 2.64 12.01
CA SER B 150 -5.19 2.69 12.00
C SER B 150 -5.75 4.02 11.52
N MET B 151 -5.00 5.09 11.70
CA MET B 151 -5.46 6.39 11.27
C MET B 151 -5.48 6.50 9.76
N ASP B 152 -4.56 5.83 9.06
CA ASP B 152 -4.63 5.81 7.59
C ASP B 152 -5.86 5.05 7.14
N VAL B 153 -6.14 3.92 7.81
CA VAL B 153 -7.31 3.13 7.46
C VAL B 153 -8.55 4.00 7.63
N PHE B 154 -8.61 4.74 8.72
CA PHE B 154 -9.74 5.61 9.00
C PHE B 154 -10.03 6.55 7.82
N PHE B 155 -9.00 7.24 7.32
CA PHE B 155 -9.22 8.17 6.23
C PHE B 155 -9.40 7.48 4.88
N ARG B 156 -8.88 6.27 4.71
CA ARG B 156 -9.19 5.54 3.48
C ARG B 156 -10.67 5.19 3.51
N ASP B 157 -11.19 4.87 4.69
CA ASP B 157 -12.59 4.46 4.77
C ASP B 157 -13.53 5.68 4.79
N LEU B 158 -13.07 6.79 5.35
CA LEU B 158 -13.79 8.07 5.26
C LEU B 158 -14.01 8.53 3.80
N ALA B 159 -12.93 8.56 3.03
CA ALA B 159 -12.96 8.91 1.61
C ALA B 159 -13.96 8.05 0.83
N ALA B 160 -13.92 6.74 1.04
CA ALA B 160 -14.83 5.82 0.35
C ALA B 160 -16.29 6.13 0.68
N ALA B 161 -16.57 6.38 1.96
CA ALA B 161 -17.93 6.66 2.38
C ALA B 161 -18.38 8.08 1.98
N TYR B 162 -17.47 9.05 1.99
CA TYR B 162 -17.81 10.41 1.55
C TYR B 162 -18.18 10.43 0.07
N GLY B 163 -17.41 9.69 -0.73
CA GLY B 163 -17.69 9.53 -2.14
C GLY B 163 -19.14 9.14 -2.38
N ALA B 164 -19.57 8.05 -1.75
CA ALA B 164 -20.94 7.53 -1.92
C ALA B 164 -22.01 8.48 -1.38
N ARG B 165 -21.84 8.90 -0.13
CA ARG B 165 -22.81 9.77 0.53
C ARG B 165 -22.96 11.11 -0.21
N ARG B 166 -21.84 11.63 -0.71
CA ARG B 166 -21.88 12.85 -1.50
C ARG B 166 -22.69 12.66 -2.79
N ALA B 167 -22.69 11.43 -3.31
CA ALA B 167 -23.43 11.12 -4.52
C ALA B 167 -24.80 10.49 -4.24
N GLY B 168 -25.33 10.65 -3.04
CA GLY B 168 -26.70 10.25 -2.75
C GLY B 168 -26.99 8.78 -2.47
N ARG B 169 -25.95 7.98 -2.20
CA ARG B 169 -26.18 6.60 -1.80
C ARG B 169 -25.36 6.25 -0.55
N ALA B 170 -25.85 5.26 0.21
CA ALA B 170 -25.06 4.67 1.30
C ALA B 170 -23.91 3.86 0.69
N PRO B 171 -22.76 3.74 1.41
CA PRO B 171 -21.62 3.04 0.82
C PRO B 171 -21.96 1.59 0.47
N GLU B 172 -21.53 1.12 -0.69
CA GLU B 172 -21.71 -0.28 -1.08
C GLU B 172 -20.39 -1.03 -0.90
N ARG B 173 -20.20 -1.68 0.25
CA ARG B 173 -18.96 -2.40 0.51
C ARG B 173 -19.22 -3.74 1.14
N ALA B 174 -18.33 -4.69 0.88
CA ALA B 174 -18.23 -5.91 1.66
C ALA B 174 -17.82 -5.59 3.11
N PRO B 175 -18.45 -6.25 4.08
CA PRO B 175 -18.09 -6.10 5.51
C PRO B 175 -16.68 -6.59 5.82
N LEU B 176 -16.07 -6.11 6.89
CA LEU B 176 -14.78 -6.67 7.33
C LEU B 176 -14.95 -8.17 7.58
N ALA B 177 -13.88 -8.92 7.38
CA ALA B 177 -13.94 -10.34 7.72
C ALA B 177 -13.87 -10.46 9.24
N LEU B 178 -12.98 -9.68 9.84
CA LEU B 178 -12.80 -9.62 11.29
C LEU B 178 -13.14 -8.25 11.86
N GLN B 179 -13.88 -8.25 12.97
CA GLN B 179 -14.00 -7.07 13.84
C GLN B 179 -13.00 -7.19 15.01
N PHE B 180 -12.71 -6.07 15.69
CA PHE B 180 -11.68 -6.11 16.74
C PHE B 180 -12.01 -7.10 17.86
N ALA B 181 -13.29 -7.30 18.16
CA ALA B 181 -13.72 -8.25 19.19
C ALA B 181 -13.24 -9.67 18.87
N ASP B 182 -13.17 -10.00 17.58
CA ASP B 182 -12.67 -11.30 17.13
C ASP B 182 -11.16 -11.45 17.45
N TYR B 183 -10.40 -10.38 17.27
CA TYR B 183 -8.98 -10.35 17.66
C TYR B 183 -8.83 -10.49 19.18
N ALA B 184 -9.63 -9.74 19.94
CA ALA B 184 -9.58 -9.77 21.41
C ALA B 184 -9.86 -11.17 21.96
N ILE B 185 -10.81 -11.86 21.36
CA ILE B 185 -11.19 -13.19 21.84
C ILE B 185 -10.12 -14.20 21.47
N TRP B 186 -9.45 -13.96 20.34
CA TRP B 186 -8.32 -14.76 19.93
C TRP B 186 -7.16 -14.66 20.91
N GLU B 187 -6.78 -13.43 21.27
CA GLU B 187 -5.73 -13.20 22.26
C GLU B 187 -6.07 -13.85 23.60
N GLN B 188 -7.33 -13.74 24.01
CA GLN B 188 -7.74 -14.38 25.24
C GLN B 188 -7.58 -15.89 25.15
N ARG B 189 -8.00 -16.48 24.04
CA ARG B 189 -7.88 -17.93 23.84
C ARG B 189 -6.42 -18.37 23.86
N LEU B 190 -5.57 -17.52 23.30
CA LEU B 190 -4.14 -17.77 23.31
C LEU B 190 -3.60 -17.73 24.73
N LEU B 191 -3.93 -16.68 25.48
CA LEU B 191 -3.49 -16.58 26.86
C LEU B 191 -4.10 -17.67 27.76
N ASP B 192 -5.23 -18.25 27.37
CA ASP B 192 -5.82 -19.33 28.13
C ASP B 192 -4.93 -20.58 28.13
N GLY B 193 -4.01 -20.65 27.17
CA GLY B 193 -3.04 -21.73 27.11
C GLY B 193 -2.13 -21.95 28.31
N GLU B 194 -2.05 -20.97 29.23
CA GLU B 194 -1.21 -21.11 30.43
C GLU B 194 -1.60 -22.36 31.18
N ARG B 195 -2.88 -22.68 31.08
CA ARG B 195 -3.48 -23.91 31.56
C ARG B 195 -2.65 -25.16 31.21
N GLU B 196 -2.28 -25.27 29.94
CA GLU B 196 -1.54 -26.41 29.41
C GLU B 196 -0.03 -26.14 29.48
N GLN B 197 0.71 -27.04 30.12
CA GLN B 197 2.15 -26.81 30.36
C GLN B 197 2.98 -26.81 29.08
N ASP B 198 2.51 -27.47 28.03
CA ASP B 198 3.27 -27.48 26.78
C ASP B 198 2.75 -26.46 25.76
N SER B 199 1.94 -25.51 26.22
CA SER B 199 1.36 -24.52 25.34
C SER B 199 2.37 -23.50 24.84
N LEU B 200 1.99 -22.86 23.73
CA LEU B 200 2.75 -21.76 23.13
C LEU B 200 3.04 -20.64 24.14
N ILE B 201 1.98 -20.13 24.74
CA ILE B 201 2.09 -19.02 25.68
C ILE B 201 3.09 -19.33 26.83
N ASN B 202 3.12 -20.58 27.30
CA ASN B 202 4.04 -20.93 28.39
C ASN B 202 5.49 -20.89 27.95
N ASP B 203 5.74 -21.41 26.75
CA ASP B 203 7.07 -21.32 26.14
C ASP B 203 7.54 -19.86 26.03
N GLN B 204 6.61 -18.95 25.77
CA GLN B 204 6.99 -17.54 25.55
C GLN B 204 7.10 -16.80 26.88
N ILE B 205 6.30 -17.19 27.86
CA ILE B 205 6.41 -16.58 29.19
C ILE B 205 7.77 -16.93 29.78
N THR B 206 8.22 -18.15 29.53
CA THR B 206 9.51 -18.61 30.01
C THR B 206 10.64 -17.83 29.37
N PHE B 207 10.52 -17.62 28.06
CA PHE B 207 11.51 -16.81 27.36
C PHE B 207 11.70 -15.42 27.97
N TRP B 208 10.60 -14.70 28.20
CA TRP B 208 10.74 -13.32 28.62
C TRP B 208 11.17 -13.19 30.07
N ARG B 209 10.67 -14.06 30.94
CA ARG B 209 11.08 -14.04 32.35
C ARG B 209 12.58 -14.26 32.41
N ASN B 210 13.07 -15.12 31.52
CA ASN B 210 14.49 -15.44 31.43
C ASN B 210 15.30 -14.30 30.79
N HIS B 211 14.87 -13.85 29.62
CA HIS B 211 15.54 -12.75 28.92
C HIS B 211 15.60 -11.50 29.80
N LEU B 212 14.52 -11.17 30.50
CA LEU B 212 14.43 -9.90 31.24
C LEU B 212 14.67 -10.04 32.74
N ALA B 213 15.10 -11.21 33.18
CA ALA B 213 15.41 -11.46 34.59
C ALA B 213 16.44 -10.49 35.17
N GLY B 214 16.01 -9.67 36.14
CA GLY B 214 16.92 -8.81 36.87
C GLY B 214 17.26 -7.43 36.28
N ILE B 215 16.40 -6.90 35.42
CA ILE B 215 16.64 -5.57 34.88
C ILE B 215 16.29 -4.52 35.91
N ASP B 216 16.98 -3.38 35.90
CA ASP B 216 16.64 -2.30 36.81
C ASP B 216 15.25 -1.75 36.49
N GLN B 217 14.68 -0.97 37.40
CA GLN B 217 13.31 -0.49 37.18
C GLN B 217 13.34 0.67 36.18
N GLU B 218 14.51 1.31 36.08
CA GLU B 218 14.68 2.53 35.32
C GLU B 218 15.99 2.51 34.55
N THR B 219 16.06 3.31 33.51
CA THR B 219 17.32 3.57 32.81
C THR B 219 17.90 4.86 33.38
N VAL B 220 19.20 4.90 33.66
CA VAL B 220 19.84 6.14 34.11
C VAL B 220 20.00 7.12 32.97
N LEU B 221 19.39 8.30 33.07
CA LEU B 221 19.41 9.27 31.97
C LEU B 221 19.72 10.67 32.50
N PRO B 222 20.11 11.61 31.63
CA PRO B 222 20.49 12.90 32.20
C PRO B 222 19.29 13.80 32.54
N PHE B 223 18.57 13.46 33.61
CA PHE B 223 17.36 14.18 34.00
C PHE B 223 17.65 15.63 34.39
N ASP B 224 16.70 16.52 34.18
CA ASP B 224 16.81 17.89 34.68
C ASP B 224 15.95 18.07 35.94
N ARG B 225 15.00 17.16 36.13
CA ARG B 225 14.11 17.15 37.30
C ARG B 225 13.80 15.73 37.72
N ALA B 226 13.45 15.56 38.99
CA ALA B 226 13.10 14.25 39.49
C ALA B 226 11.77 13.80 38.87
N ARG B 227 11.59 12.49 38.76
CA ARG B 227 10.36 11.92 38.25
C ARG B 227 9.24 12.16 39.26
N PRO B 228 8.19 12.89 38.84
CA PRO B 228 7.00 13.12 39.66
C PRO B 228 6.18 11.86 39.84
N ALA B 229 5.38 11.79 40.89
CA ALA B 229 4.51 10.63 41.09
C ALA B 229 3.50 10.47 39.96
N ILE B 230 2.89 11.58 39.56
CA ILE B 230 1.92 11.58 38.47
C ILE B 230 2.43 12.32 37.25
N PRO B 231 2.47 11.64 36.11
CA PRO B 231 3.07 12.23 34.91
C PRO B 231 2.14 13.25 34.26
N SER B 232 2.73 14.27 33.65
CA SER B 232 1.96 15.18 32.82
C SER B 232 1.85 14.62 31.40
N ARG B 233 2.80 13.77 31.04
CA ARG B 233 2.97 13.25 29.69
C ARG B 233 3.17 14.32 28.63
N ARG B 234 3.58 15.52 29.02
CA ARG B 234 3.90 16.56 28.02
C ARG B 234 5.19 16.22 27.29
N ALA B 235 5.31 16.68 26.06
CA ALA B 235 6.42 16.26 25.22
C ALA B 235 6.97 17.40 24.39
N GLY B 236 8.29 17.44 24.25
CA GLY B 236 8.93 18.36 23.34
C GLY B 236 9.63 17.56 22.26
N THR B 237 10.10 18.21 21.21
CA THR B 237 10.87 17.52 20.19
C THR B 237 12.08 18.31 19.78
N VAL B 238 13.05 17.61 19.18
CA VAL B 238 14.23 18.21 18.57
C VAL B 238 14.51 17.44 17.28
N ALA B 239 14.77 18.16 16.20
CA ALA B 239 15.07 17.52 14.92
C ALA B 239 16.46 16.94 14.96
N LEU B 240 16.78 16.19 13.92
CA LEU B 240 17.98 15.40 13.92
C LEU B 240 18.24 14.93 12.50
N ARG B 241 19.47 15.09 12.02
CA ARG B 241 19.83 14.57 10.71
C ARG B 241 21.16 13.82 10.71
N LEU B 242 21.22 12.71 9.98
CA LEU B 242 22.45 12.03 9.56
C LEU B 242 22.63 12.17 8.05
N ASP B 243 23.76 12.71 7.61
CA ASP B 243 23.95 13.03 6.18
C ASP B 243 24.00 11.76 5.32
N ALA B 244 23.88 11.92 4.01
CA ALA B 244 23.74 10.79 3.09
C ALA B 244 24.96 9.87 3.05
N GLY B 245 26.14 10.47 2.95
CA GLY B 245 27.39 9.73 2.95
C GLY B 245 27.56 8.77 4.13
N PRO B 246 27.54 9.30 5.37
CA PRO B 246 27.57 8.47 6.57
C PRO B 246 26.45 7.44 6.58
N HIS B 247 25.24 7.87 6.18
CA HIS B 247 24.12 6.95 6.07
C HIS B 247 24.49 5.76 5.17
N ALA B 248 25.17 6.02 4.07
CA ALA B 248 25.51 4.96 3.12
C ALA B 248 26.68 4.10 3.60
N ARG B 249 27.66 4.72 4.25
CA ARG B 249 28.76 3.95 4.86
C ARG B 249 28.28 2.99 5.94
N LEU B 250 27.31 3.43 6.73
CA LEU B 250 26.70 2.58 7.75
C LEU B 250 26.04 1.37 7.12
N ALA B 251 25.41 1.57 5.97
CA ALA B 251 24.76 0.48 5.26
C ALA B 251 25.77 -0.53 4.73
N GLU B 252 27.00 -0.10 4.45
CA GLU B 252 28.02 -1.03 3.95
C GLU B 252 28.33 -2.10 4.98
N ALA B 253 28.40 -1.71 6.24
CA ALA B 253 28.58 -2.69 7.31
C ALA B 253 27.26 -3.43 7.65
N VAL B 254 26.16 -3.06 6.97
CA VAL B 254 24.88 -3.82 7.06
C VAL B 254 25.04 -5.21 6.49
N GLU B 255 25.62 -5.27 5.29
CA GLU B 255 25.59 -6.51 4.54
C GLU B 255 26.81 -7.39 4.86
N SER B 256 27.88 -6.78 5.39
CA SER B 256 28.86 -7.54 6.17
C SER B 256 28.19 -7.86 7.51
N ALA B 257 27.98 -9.16 7.77
CA ALA B 257 26.96 -9.67 8.71
C ALA B 257 25.55 -9.36 8.17
N GLY B 258 24.51 -9.66 8.95
CA GLY B 258 23.17 -9.66 8.39
C GLY B 258 22.26 -8.54 8.83
N ALA B 259 22.82 -7.58 9.56
CA ALA B 259 21.99 -6.61 10.28
C ALA B 259 21.49 -5.45 9.43
N ASP B 260 20.19 -5.22 9.48
CA ASP B 260 19.61 -4.08 8.80
C ASP B 260 19.81 -2.80 9.59
N MET B 261 19.49 -1.68 8.96
CA MET B 261 19.71 -0.37 9.56
C MET B 261 19.04 -0.18 10.94
N PRO B 262 17.79 -0.67 11.14
CA PRO B 262 17.21 -0.46 12.47
C PRO B 262 18.05 -1.03 13.60
N GLN B 263 18.72 -2.15 13.35
CA GLN B 263 19.55 -2.75 14.39
C GLN B 263 20.89 -2.03 14.56
N LEU B 264 21.44 -1.50 13.46
CA LEU B 264 22.67 -0.72 13.53
C LEU B 264 22.50 0.51 14.41
N VAL B 265 21.39 1.20 14.23
CA VAL B 265 21.09 2.41 15.00
C VAL B 265 20.79 2.02 16.45
N GLN B 266 20.15 0.89 16.64
CA GLN B 266 19.90 0.43 18.00
C GLN B 266 21.22 0.16 18.71
N ALA B 267 22.18 -0.40 17.99
CA ALA B 267 23.52 -0.62 18.57
C ALA B 267 24.14 0.69 18.99
N ALA B 268 24.21 1.62 18.04
CA ALA B 268 24.83 2.92 18.26
C ALA B 268 24.22 3.67 19.46
N LEU B 269 22.89 3.71 19.52
CA LEU B 269 22.18 4.34 20.63
C LEU B 269 22.52 3.68 21.98
N ALA B 270 22.63 2.34 21.97
CA ALA B 270 22.98 1.61 23.20
C ALA B 270 24.39 2.01 23.65
N MET B 271 25.30 2.18 22.70
CA MET B 271 26.66 2.61 23.03
C MET B 271 26.62 4.03 23.59
N LEU B 272 25.72 4.85 23.05
CA LEU B 272 25.62 6.23 23.50
C LEU B 272 25.13 6.28 24.93
N LEU B 273 24.15 5.45 25.25
CA LEU B 273 23.57 5.47 26.60
C LEU B 273 24.58 4.97 27.63
N THR B 274 25.35 3.93 27.28
CA THR B 274 26.40 3.47 28.16
C THR B 274 27.39 4.61 28.40
N ARG B 275 27.73 5.31 27.34
CA ARG B 275 28.61 6.47 27.39
C ARG B 275 28.00 7.63 28.17
N TYR B 276 26.68 7.74 28.18
CA TYR B 276 26.00 8.76 28.97
C TYR B 276 25.94 8.43 30.45
N GLY B 277 26.24 7.17 30.80
CA GLY B 277 26.23 6.73 32.18
C GLY B 277 25.15 5.75 32.57
N ALA B 278 24.53 5.08 31.62
CA ALA B 278 23.42 4.19 31.94
C ALA B 278 23.85 2.78 32.29
N GLY B 279 25.14 2.49 32.23
CA GLY B 279 25.63 1.15 32.56
C GLY B 279 25.72 0.24 31.34
N THR B 280 26.05 -1.03 31.57
CA THR B 280 26.26 -1.97 30.46
C THR B 280 25.13 -2.97 30.32
N ASP B 281 24.01 -2.71 30.98
CA ASP B 281 22.83 -3.57 30.92
C ASP B 281 21.62 -2.72 30.58
N LEU B 282 21.20 -2.78 29.32
CA LEU B 282 20.24 -1.81 28.81
C LEU B 282 19.08 -2.47 28.11
N VAL B 283 17.90 -1.88 28.22
CA VAL B 283 16.77 -2.31 27.43
C VAL B 283 16.30 -1.15 26.56
N ILE B 284 16.36 -1.33 25.25
CA ILE B 284 15.81 -0.38 24.31
C ILE B 284 14.61 -0.99 23.62
N GLY B 285 13.47 -0.31 23.73
CA GLY B 285 12.24 -0.81 23.17
C GLY B 285 11.89 -0.17 21.83
N THR B 286 11.01 -0.84 21.10
CA THR B 286 10.52 -0.37 19.83
C THR B 286 9.06 -0.79 19.65
N THR B 287 8.33 -0.09 18.78
CA THR B 287 6.96 -0.44 18.52
C THR B 287 6.83 -1.03 17.11
N LEU B 288 6.45 -2.30 17.05
CA LEU B 288 6.20 -2.98 15.80
C LEU B 288 4.76 -2.75 15.34
N PRO B 289 4.53 -2.68 14.01
CA PRO B 289 3.16 -2.65 13.51
C PRO B 289 2.55 -4.04 13.62
N ARG B 290 1.25 -4.15 13.35
CA ARG B 290 0.58 -5.44 13.27
C ARG B 290 1.36 -6.41 12.38
N ASP B 291 1.29 -7.69 12.73
CA ASP B 291 1.88 -8.75 11.94
C ASP B 291 1.32 -8.76 10.50
N GLU B 292 2.16 -8.44 9.52
CA GLU B 292 1.71 -8.27 8.14
C GLU B 292 1.24 -9.58 7.51
N ASP B 293 1.68 -10.70 8.09
CA ASP B 293 1.22 -12.02 7.68
C ASP B 293 -0.26 -12.24 7.97
N LEU B 294 -0.77 -11.62 9.03
CA LEU B 294 -2.18 -11.71 9.37
C LEU B 294 -3.00 -10.84 8.42
N ILE B 295 -3.42 -11.41 7.30
CA ILE B 295 -4.03 -10.62 6.22
C ILE B 295 -5.37 -9.95 6.59
N ASP B 296 -6.17 -10.60 7.43
CA ASP B 296 -7.45 -10.04 7.84
C ASP B 296 -7.35 -8.81 8.73
N LEU B 297 -6.17 -8.55 9.31
CA LEU B 297 -5.99 -7.35 10.13
C LEU B 297 -5.63 -6.10 9.33
N GLU B 298 -5.12 -6.28 8.10
CA GLU B 298 -4.65 -5.14 7.30
C GLU B 298 -5.71 -4.05 7.17
N PRO B 299 -6.96 -4.42 6.80
CA PRO B 299 -7.95 -3.35 6.62
C PRO B 299 -8.65 -2.85 7.92
N MET B 300 -8.14 -3.23 9.09
CA MET B 300 -8.82 -2.94 10.34
C MET B 300 -8.27 -1.75 11.10
N ILE B 301 -9.14 -1.13 11.90
CA ILE B 301 -8.75 -0.17 12.93
C ILE B 301 -8.66 -0.89 14.29
N GLY B 302 -7.63 -0.58 15.08
CA GLY B 302 -7.45 -1.22 16.37
C GLY B 302 -6.10 -0.91 16.96
N PRO B 303 -5.96 -1.09 18.28
CA PRO B 303 -4.66 -0.93 18.94
C PRO B 303 -3.75 -2.13 18.68
N PHE B 304 -3.38 -2.31 17.42
CA PHE B 304 -2.60 -3.47 16.99
C PHE B 304 -1.10 -3.32 17.17
N ALA B 305 -0.58 -2.11 17.31
CA ALA B 305 0.86 -1.96 17.31
C ALA B 305 1.39 -2.50 18.65
N ARG B 306 2.51 -3.20 18.61
CA ARG B 306 2.99 -3.98 19.77
C ARG B 306 4.38 -3.60 20.23
N PRO B 307 4.50 -3.16 21.50
CA PRO B 307 5.81 -2.88 22.11
C PRO B 307 6.67 -4.13 22.12
N PHE B 308 7.98 -3.94 22.01
CA PHE B 308 8.94 -5.00 21.78
C PHE B 308 10.28 -4.56 22.38
N PRO B 309 10.58 -5.02 23.60
CA PRO B 309 11.78 -4.65 24.35
C PRO B 309 12.93 -5.60 24.06
N VAL B 310 14.11 -5.06 23.81
CA VAL B 310 15.28 -5.88 23.60
C VAL B 310 16.38 -5.49 24.56
N ARG B 311 16.85 -6.48 25.30
CA ARG B 311 17.86 -6.24 26.31
C ARG B 311 19.22 -6.43 25.68
N THR B 312 20.13 -5.50 25.93
CA THR B 312 21.44 -5.60 25.32
C THR B 312 22.51 -5.51 26.40
N ASP B 313 23.52 -6.37 26.30
CA ASP B 313 24.62 -6.38 27.25
C ASP B 313 25.86 -5.73 26.64
N LEU B 314 26.32 -4.63 27.24
CA LEU B 314 27.42 -3.85 26.67
C LEU B 314 28.72 -3.91 27.48
N SER B 315 28.90 -4.98 28.26
CA SER B 315 30.11 -5.13 29.04
C SER B 315 31.32 -5.47 28.16
N ALA B 316 32.51 -5.21 28.70
CA ALA B 316 33.82 -5.49 28.10
C ALA B 316 34.20 -4.58 26.93
N ASP B 317 33.82 -3.31 27.01
CA ASP B 317 34.15 -2.29 26.02
C ASP B 317 34.08 -2.79 24.57
N PRO B 318 32.89 -3.23 24.14
CA PRO B 318 32.70 -3.82 22.81
C PRO B 318 32.92 -2.84 21.64
N THR B 319 33.48 -3.35 20.56
CA THR B 319 33.44 -2.63 19.29
C THR B 319 31.99 -2.44 18.87
N PHE B 320 31.73 -1.44 18.04
CA PHE B 320 30.41 -1.23 17.46
C PHE B 320 29.90 -2.52 16.85
N LEU B 321 30.76 -3.16 16.06
CA LEU B 321 30.39 -4.40 15.37
C LEU B 321 30.04 -5.50 16.36
N GLU B 322 30.76 -5.56 17.48
CA GLU B 322 30.40 -6.51 18.53
C GLU B 322 29.02 -6.21 19.11
N VAL B 323 28.68 -4.91 19.23
CA VAL B 323 27.38 -4.55 19.77
C VAL B 323 26.25 -4.93 18.82
N VAL B 324 26.49 -4.70 17.53
CA VAL B 324 25.56 -5.08 16.46
C VAL B 324 25.22 -6.55 16.53
N ALA B 325 26.25 -7.38 16.60
CA ALA B 325 26.06 -8.82 16.64
C ALA B 325 25.28 -9.26 17.89
N ARG B 326 25.51 -8.60 19.03
CA ARG B 326 24.74 -8.90 20.25
C ARG B 326 23.26 -8.47 20.10
N VAL B 327 23.05 -7.31 19.50
CA VAL B 327 21.71 -6.81 19.23
C VAL B 327 20.99 -7.77 18.31
N GLN B 328 21.67 -8.13 17.22
CA GLN B 328 21.09 -8.93 16.17
C GLN B 328 20.75 -10.32 16.69
N GLU B 329 21.63 -10.87 17.52
CA GLU B 329 21.34 -12.16 18.12
C GLU B 329 20.12 -12.07 19.04
N ALA B 330 20.10 -11.08 19.92
CA ALA B 330 18.97 -10.86 20.83
C ALA B 330 17.65 -10.64 20.10
N VAL B 331 17.66 -9.83 19.04
CA VAL B 331 16.42 -9.52 18.33
C VAL B 331 15.88 -10.76 17.63
N ARG B 332 16.74 -11.45 16.90
CA ARG B 332 16.41 -12.70 16.21
C ARG B 332 15.75 -13.74 17.14
N GLU B 333 16.25 -13.87 18.37
CA GLU B 333 15.64 -14.77 19.34
C GLU B 333 14.30 -14.22 19.89
N ALA B 334 14.27 -12.95 20.28
CA ALA B 334 13.06 -12.37 20.86
C ALA B 334 11.92 -12.30 19.85
N ARG B 335 12.28 -12.01 18.59
CA ARG B 335 11.37 -11.95 17.43
C ARG B 335 10.36 -13.10 17.38
N GLN B 336 10.75 -14.24 17.90
CA GLN B 336 9.94 -15.43 17.78
C GLN B 336 8.93 -15.60 18.91
N HIS B 337 8.98 -14.71 19.90
CA HIS B 337 8.11 -14.85 21.07
C HIS B 337 7.23 -13.64 21.26
N LEU B 338 6.54 -13.22 20.19
CA LEU B 338 5.77 -11.97 20.20
C LEU B 338 4.27 -12.13 20.41
N ASP B 339 3.81 -13.37 20.59
CA ASP B 339 2.40 -13.63 20.86
C ASP B 339 1.99 -13.17 22.27
N VAL B 340 2.91 -13.22 23.24
CA VAL B 340 2.66 -12.57 24.51
C VAL B 340 2.55 -11.08 24.31
N PRO B 341 1.46 -10.48 24.76
CA PRO B 341 1.43 -9.02 24.73
C PRO B 341 2.49 -8.47 25.65
N PHE B 342 3.14 -7.41 25.21
CA PHE B 342 4.09 -6.69 26.05
C PHE B 342 3.50 -6.31 27.42
N GLU B 343 2.23 -5.95 27.43
CA GLU B 343 1.58 -5.38 28.61
C GLU B 343 1.39 -6.43 29.71
N LYS B 344 1.60 -7.68 29.33
CA LYS B 344 1.44 -8.81 30.21
C LYS B 344 2.75 -9.08 30.96
N ILE B 345 3.82 -8.52 30.41
CA ILE B 345 5.17 -8.79 30.90
C ILE B 345 5.51 -8.16 32.26
N PRO B 346 5.02 -6.94 32.57
CA PRO B 346 5.23 -6.46 33.94
C PRO B 346 4.79 -7.46 35.04
N GLU B 347 3.61 -8.05 34.93
CA GLU B 347 3.18 -9.16 35.79
C GLU B 347 4.18 -10.30 35.87
N LEU B 348 4.52 -10.86 34.71
CA LEU B 348 5.43 -12.00 34.63
C LEU B 348 6.75 -11.74 35.35
N LEU B 349 7.13 -10.48 35.44
CA LEU B 349 8.39 -10.13 36.06
C LEU B 349 8.20 -9.71 37.50
N ALA B 350 6.96 -9.86 37.99
CA ALA B 350 6.56 -9.40 39.34
C ALA B 350 7.09 -8.00 39.60
N LEU B 351 6.92 -7.14 38.61
CA LEU B 351 7.41 -5.77 38.68
C LEU B 351 6.39 -4.88 39.40
N PRO B 352 6.83 -4.17 40.44
CA PRO B 352 5.92 -3.19 41.06
C PRO B 352 5.56 -2.09 40.07
N GLY B 353 4.26 -1.97 39.78
CA GLY B 353 3.77 -0.95 38.85
C GLY B 353 4.00 0.47 39.35
N SER B 354 3.99 1.41 38.41
CA SER B 354 4.19 2.81 38.73
C SER B 354 3.48 3.65 37.68
N LEU B 355 2.92 4.78 38.08
CA LEU B 355 2.27 5.66 37.11
C LEU B 355 3.32 6.52 36.46
N SER B 356 4.40 6.76 37.21
CA SER B 356 5.37 7.78 36.85
C SER B 356 6.31 7.35 35.74
N ARG B 357 6.19 6.10 35.32
CA ARG B 357 7.24 5.48 34.52
C ARG B 357 6.70 4.42 33.59
N HIS B 358 7.26 4.35 32.38
CA HIS B 358 6.98 3.22 31.50
C HIS B 358 7.79 2.00 31.97
N PRO B 359 7.12 0.85 32.14
CA PRO B 359 7.74 -0.39 32.62
C PRO B 359 8.70 -1.02 31.59
N VAL B 360 9.67 -1.81 32.07
CA VAL B 360 10.66 -2.51 31.25
C VAL B 360 11.62 -1.58 30.48
N TYR B 361 11.08 -0.64 29.69
CA TYR B 361 11.97 0.32 29.03
C TYR B 361 11.42 1.74 29.03
N GLN B 362 12.35 2.70 29.01
CA GLN B 362 12.01 4.11 29.09
C GLN B 362 12.58 4.85 27.87
N VAL B 363 13.38 4.14 27.07
CA VAL B 363 13.93 4.68 25.83
C VAL B 363 13.43 3.88 24.64
N GLY B 364 12.83 4.56 23.67
CA GLY B 364 12.28 3.91 22.49
C GLY B 364 12.99 4.31 21.21
N LEU B 365 13.03 3.38 20.25
CA LEU B 365 13.64 3.68 18.95
C LEU B 365 12.79 3.18 17.78
N GLN B 366 12.53 4.08 16.85
CA GLN B 366 11.77 3.79 15.65
C GLN B 366 12.60 4.19 14.43
N VAL B 367 12.90 3.24 13.56
CA VAL B 367 13.62 3.52 12.33
C VAL B 367 12.80 2.99 11.19
N ARG B 368 12.06 3.88 10.51
CA ARG B 368 11.16 3.44 9.45
C ARG B 368 11.66 3.89 8.07
N GLU B 369 11.12 3.25 7.04
CA GLU B 369 11.38 3.66 5.65
C GLU B 369 10.51 4.85 5.24
N GLU B 370 10.92 5.54 4.17
CA GLU B 370 10.13 6.58 3.51
C GLU B 370 8.74 6.07 3.25
N ASP B 371 7.76 6.96 3.15
CA ASP B 371 6.45 6.58 2.61
C ASP B 371 5.66 5.73 3.61
N ALA B 378 -5.38 11.75 1.74
CA ALA B 378 -6.42 10.98 1.07
C ALA B 378 -7.29 11.86 0.17
N GLU B 379 -7.67 11.32 -0.97
CA GLU B 379 -8.37 12.08 -2.00
C GLU B 379 -9.89 12.08 -1.83
N LEU B 380 -10.46 13.27 -1.64
CA LEU B 380 -11.91 13.42 -1.52
C LEU B 380 -12.46 14.14 -2.72
N PRO B 381 -13.55 13.62 -3.30
CA PRO B 381 -14.19 14.20 -4.48
C PRO B 381 -14.56 15.68 -4.36
N ALA B 382 -14.10 16.46 -5.34
CA ALA B 382 -14.32 17.91 -5.46
C ALA B 382 -13.61 18.71 -4.38
N LEU B 383 -12.47 18.21 -3.91
CA LEU B 383 -11.73 18.83 -2.81
C LEU B 383 -10.23 18.66 -2.93
N ARG B 384 -9.49 19.71 -2.65
CA ARG B 384 -8.06 19.59 -2.47
C ARG B 384 -7.83 19.36 -0.99
N THR B 385 -7.18 18.25 -0.65
CA THR B 385 -7.00 17.90 0.75
C THR B 385 -5.53 17.91 1.13
N SER B 386 -5.24 18.20 2.40
CA SER B 386 -3.87 18.20 2.86
C SER B 386 -3.82 18.05 4.37
N VAL B 387 -2.67 17.66 4.91
CA VAL B 387 -2.56 17.49 6.36
C VAL B 387 -2.28 18.81 7.05
N GLU B 388 -3.19 19.19 7.92
CA GLU B 388 -3.05 20.38 8.73
C GLU B 388 -2.18 20.01 9.93
N PRO B 389 -1.08 20.74 10.12
CA PRO B 389 -0.15 20.41 11.21
C PRO B 389 -0.79 20.48 12.59
N THR B 390 -0.70 19.39 13.36
CA THR B 390 -1.13 19.41 14.77
C THR B 390 0.04 19.08 15.69
N GLY B 391 -0.19 19.21 16.99
CA GLY B 391 0.86 19.12 17.99
C GLY B 391 1.44 17.74 18.20
N VAL B 392 2.56 17.70 18.91
CA VAL B 392 3.21 16.44 19.26
C VAL B 392 2.36 15.65 20.25
N GLU B 393 2.20 14.35 20.03
CA GLU B 393 1.35 13.51 20.89
C GLU B 393 1.91 13.34 22.30
N ALA B 394 1.02 13.03 23.25
CA ALA B 394 1.43 12.74 24.63
C ALA B 394 2.41 11.57 24.66
N ILE B 395 3.39 11.65 25.55
CA ILE B 395 4.43 10.62 25.65
C ILE B 395 4.43 9.93 27.02
N GLU B 396 4.62 8.62 27.03
CA GLU B 396 4.73 7.83 28.26
C GLU B 396 6.17 7.45 28.54
N LEU B 397 6.96 7.39 27.48
CA LEU B 397 8.39 7.10 27.58
C LEU B 397 9.18 8.32 28.07
N ASP B 398 10.40 8.09 28.54
CA ASP B 398 11.32 9.19 28.84
C ASP B 398 11.86 9.78 27.54
N LEU B 399 12.35 8.91 26.66
CA LEU B 399 12.86 9.34 25.36
C LEU B 399 12.36 8.42 24.24
N ALA B 400 12.11 9.01 23.07
CA ALA B 400 11.62 8.25 21.93
C ALA B 400 12.18 8.84 20.64
N PHE B 401 13.00 8.06 19.96
CA PHE B 401 13.60 8.47 18.71
C PHE B 401 12.75 7.97 17.57
N ALA B 402 12.41 8.88 16.65
CA ALA B 402 11.71 8.55 15.41
C ALA B 402 12.56 8.96 14.19
N LEU B 403 13.22 7.99 13.58
CA LEU B 403 14.10 8.21 12.46
C LEU B 403 13.55 7.62 11.19
N THR B 404 13.68 8.37 10.09
CA THR B 404 13.24 7.93 8.77
C THR B 404 14.42 7.84 7.79
N GLU B 405 14.62 6.66 7.20
CA GLU B 405 15.59 6.48 6.12
C GLU B 405 15.07 7.07 4.81
N ARG B 406 15.78 8.05 4.27
CA ARG B 406 15.50 8.56 2.92
C ARG B 406 16.20 7.70 1.89
N ARG B 407 15.61 7.60 0.69
CA ARG B 407 16.27 6.92 -0.42
C ARG B 407 16.12 7.70 -1.72
N ASN B 408 17.12 7.55 -2.60
CA ASN B 408 17.05 8.23 -3.88
C ASN B 408 16.28 7.36 -4.86
N ASP B 409 16.37 7.70 -6.15
CA ASP B 409 15.58 7.00 -7.16
C ASP B 409 16.18 5.66 -7.52
N ASP B 410 17.44 5.46 -7.21
CA ASP B 410 18.06 4.16 -7.37
C ASP B 410 17.90 3.29 -6.11
N ASP B 411 16.96 3.67 -5.24
CA ASP B 411 16.75 2.96 -3.97
C ASP B 411 17.98 3.02 -3.02
N ASP B 412 18.88 3.98 -3.26
CA ASP B 412 20.08 4.11 -2.43
C ASP B 412 19.90 5.07 -1.25
N GLU B 413 20.55 4.72 -0.14
CA GLU B 413 20.62 5.54 1.07
C GLU B 413 20.92 7.01 0.80
N ASP B 414 20.03 7.90 1.26
CA ASP B 414 20.17 9.31 0.98
C ASP B 414 19.97 10.21 2.21
N GLY B 415 20.38 9.73 3.39
CA GLY B 415 20.28 10.49 4.62
C GLY B 415 19.24 9.95 5.60
N ILE B 416 19.51 10.08 6.90
CA ILE B 416 18.46 9.78 7.87
C ILE B 416 17.97 11.05 8.53
N GLU B 417 16.65 11.21 8.55
CA GLU B 417 15.98 12.41 9.01
C GLU B 417 15.05 12.03 10.17
N GLY B 418 14.93 12.88 11.17
CA GLY B 418 14.07 12.49 12.28
C GLY B 418 13.98 13.44 13.46
N ALA B 419 13.42 12.93 14.54
CA ALA B 419 13.20 13.73 15.71
C ALA B 419 13.30 12.90 16.98
N LEU B 420 13.73 13.56 18.05
CA LEU B 420 13.76 12.97 19.37
C LEU B 420 12.62 13.56 20.19
N HIS B 421 11.67 12.73 20.60
CA HIS B 421 10.62 13.22 21.48
C HIS B 421 11.03 12.93 22.92
N TYR B 422 10.78 13.86 23.83
CA TYR B 422 11.18 13.65 25.22
C TYR B 422 10.13 14.11 26.19
N ALA B 423 10.20 13.56 27.39
CA ALA B 423 9.26 13.88 28.44
C ALA B 423 9.67 15.22 29.06
N ALA B 424 8.90 16.26 28.79
CA ALA B 424 9.31 17.61 29.22
C ALA B 424 9.36 17.73 30.75
N ASP B 425 8.67 16.85 31.45
CA ASP B 425 8.73 16.77 32.90
C ASP B 425 10.14 16.50 33.41
N LEU B 426 10.90 15.76 32.61
CA LEU B 426 12.19 15.24 33.02
C LEU B 426 13.35 15.96 32.35
N PHE B 427 13.12 16.44 31.13
CA PHE B 427 14.19 17.01 30.32
C PHE B 427 13.88 18.42 29.81
N ASP B 428 14.91 19.25 29.81
CA ASP B 428 14.91 20.52 29.10
C ASP B 428 15.29 20.31 27.64
N HIS B 429 14.90 21.25 26.78
CA HIS B 429 15.13 21.17 25.34
C HIS B 429 16.61 21.02 25.01
N ASP B 430 17.48 21.69 25.77
CA ASP B 430 18.93 21.64 25.50
C ASP B 430 19.55 20.29 25.87
N THR B 431 19.07 19.69 26.95
CA THR B 431 19.45 18.33 27.30
C THR B 431 19.13 17.38 26.15
N ALA B 432 17.94 17.52 25.56
CA ALA B 432 17.52 16.61 24.50
C ALA B 432 18.26 16.90 23.21
N ALA B 433 18.62 18.16 23.02
CA ALA B 433 19.34 18.58 21.83
C ALA B 433 20.77 18.01 21.81
N SER B 434 21.40 17.96 22.98
CA SER B 434 22.70 17.32 23.15
C SER B 434 22.63 15.83 22.82
N LEU B 435 21.63 15.17 23.38
CA LEU B 435 21.40 13.77 23.09
C LEU B 435 21.24 13.53 21.61
N ALA B 436 20.39 14.31 20.96
CA ALA B 436 20.16 14.15 19.53
C ALA B 436 21.45 14.36 18.75
N ARG B 437 22.15 15.43 19.06
CA ARG B 437 23.41 15.71 18.34
C ARG B 437 24.49 14.65 18.61
N ARG B 438 24.55 14.14 19.83
CA ARG B 438 25.53 13.09 20.14
C ARG B 438 25.19 11.78 19.41
N LEU B 439 23.92 11.47 19.27
CA LEU B 439 23.54 10.26 18.56
C LEU B 439 23.99 10.37 17.10
N VAL B 440 23.85 11.55 16.50
CA VAL B 440 24.35 11.77 15.15
C VAL B 440 25.87 11.60 15.09
N ARG B 441 26.57 12.14 16.08
CA ARG B 441 28.02 12.01 16.13
C ARG B 441 28.46 10.57 16.28
N VAL B 442 27.80 9.82 17.16
CA VAL B 442 28.12 8.41 17.33
C VAL B 442 27.92 7.68 16.02
N LEU B 443 26.79 7.95 15.37
CA LEU B 443 26.51 7.32 14.08
C LEU B 443 27.56 7.68 13.00
N GLU B 444 28.04 8.92 12.98
CA GLU B 444 29.11 9.26 12.02
C GLU B 444 30.43 8.49 12.28
N GLN B 445 30.95 8.58 13.50
CA GLN B 445 32.19 7.86 13.89
C GLN B 445 32.14 6.38 13.61
N VAL B 446 31.02 5.79 13.94
CA VAL B 446 30.86 4.36 13.87
C VAL B 446 30.73 3.97 12.39
N ALA B 447 30.15 4.86 11.59
CA ALA B 447 30.09 4.66 10.13
C ALA B 447 31.47 4.65 9.49
N GLU B 448 32.31 5.60 9.86
CA GLU B 448 33.67 5.63 9.31
C GLU B 448 34.54 4.51 9.91
N ASP B 449 34.38 4.25 11.21
CA ASP B 449 35.23 3.29 11.91
C ASP B 449 34.43 2.26 12.71
N PRO B 450 33.91 1.24 12.02
CA PRO B 450 32.95 0.33 12.68
C PRO B 450 33.60 -0.57 13.74
N GLY B 451 34.91 -0.40 13.96
CA GLY B 451 35.61 -1.17 14.97
C GLY B 451 35.83 -0.39 16.25
N ARG B 452 35.38 0.85 16.25
CA ARG B 452 35.53 1.70 17.43
C ARG B 452 34.76 1.14 18.64
N ARG B 453 35.36 1.26 19.82
CA ARG B 453 34.75 0.78 21.05
C ARG B 453 34.08 1.91 21.81
N ILE B 454 33.18 1.54 22.73
CA ILE B 454 32.39 2.47 23.52
C ILE B 454 33.22 3.59 24.15
N SER B 455 34.36 3.19 24.71
CA SER B 455 35.26 4.09 25.43
C SER B 455 36.02 5.08 24.51
N ASP B 456 36.13 4.77 23.23
CA ASP B 456 36.73 5.68 22.27
C ASP B 456 35.72 6.60 21.56
N LEU B 457 34.45 6.58 21.95
CA LEU B 457 33.46 7.42 21.30
C LEU B 457 33.65 8.87 21.74
N ASP B 458 33.78 9.76 20.77
CA ASP B 458 33.88 11.18 21.03
C ASP B 458 32.48 11.81 21.10
N ILE B 459 32.13 12.35 22.26
CA ILE B 459 30.83 12.99 22.43
C ILE B 459 30.99 14.47 22.76
N LEU B 460 32.18 15.00 22.55
CA LEU B 460 32.40 16.42 22.74
C LEU B 460 31.57 17.17 21.71
N LEU B 461 30.78 18.13 22.17
CA LEU B 461 29.97 18.94 21.26
C LEU B 461 30.48 20.37 21.16
N ASP B 462 30.63 20.85 19.92
CA ASP B 462 30.96 22.25 19.63
C ASP B 462 29.83 23.19 20.06
N ASP B 463 30.13 24.47 20.29
CA ASP B 463 29.10 25.43 20.68
C ASP B 463 28.97 26.54 19.64
#